data_5I8P
#
_entry.id   5I8P
#
_cell.length_a   115.820
_cell.length_b   82.750
_cell.length_c   96.390
_cell.angle_alpha   90.000
_cell.angle_beta   115.440
_cell.angle_gamma   90.000
#
_symmetry.space_group_name_H-M   'C 1 2 1'
#
loop_
_entity.id
_entity.type
_entity.pdbx_description
1 polymer 'Platelet-activating factor acetylhydrolase'
2 non-polymer 6-[1,1-bis(oxidanylidene)-1,4-thiazinan-4-yl]-4-[[4-[4-chloranyl-3-(trifluoromethyl)phenoxy]-3,5-bis(fluoranyl)phenyl]methoxy]-1-methyl-pyrimidin-2-one
3 water water
#
_entity_poly.entity_id   1
_entity_poly.type   'polypeptide(L)'
_entity_poly.pdbx_seq_one_letter_code
;GPLGSAAASFGQTKIPRGNGPYSVGCTDLMFDHTNKGTFLRLYYPSQDNDRLDTLWIPNKEYFWGLSKFLGTHWLMGNIL
RLLFGSMTTPANWNSPLRPGEKYPLVVFSHGLGAFRTLYSAIGIDLASHGFIVAAVEHRDRSASATYYFKDQSAAEIGDK
SWLYLRTLKQEEETHIRNEQVRQRAKECSQALSLILDIDHGKPVKNALDLKFDMEQLKDSIDREKIAVIGHSFGGATVIQ
TLSEDQRFRCGIALDAWMFPLGDEVYSRIPQPLFFINSEYFQYPANIIKMKKCYSPDKERKMITIRGSVHQNFADFTFAT
GKIIGHMLKLKGDIDSNVAIDLSNKASLAFLQKHLGLHKDFDQWDCLIEGDDENLIPGTNINTTNQHI
;
_entity_poly.pdbx_strand_id   A,B
#
loop_
_chem_comp.id
_chem_comp.type
_chem_comp.name
_chem_comp.formula
VQ7 non-polymer 6-[1,1-bis(oxidanylidene)-1,4-thiazinan-4-yl]-4-[[4-[4-chloranyl-3-(trifluoromethyl)phenoxy]-3,5-bis(fluoranyl)phenyl]methoxy]-1-methyl-pyrimidin-2-one 'C23 H19 Cl F5 N3 O5 S'
#
# COMPACT_ATOMS: atom_id res chain seq x y z
N THR A 13 21.51 -30.78 12.44
CA THR A 13 21.12 -29.93 11.30
C THR A 13 22.31 -29.17 10.72
N LYS A 14 22.35 -29.08 9.39
CA LYS A 14 23.44 -28.38 8.72
C LYS A 14 22.97 -27.04 8.15
N ILE A 15 21.70 -26.72 8.33
CA ILE A 15 21.23 -25.39 8.00
C ILE A 15 21.99 -24.35 8.83
N PRO A 16 22.69 -23.43 8.17
CA PRO A 16 23.58 -22.47 8.81
C PRO A 16 22.89 -21.51 9.76
N ARG A 17 23.48 -21.27 10.93
CA ARG A 17 23.03 -20.16 11.76
C ARG A 17 23.25 -18.83 11.01
N GLY A 18 22.53 -17.78 11.40
CA GLY A 18 22.67 -16.50 10.73
C GLY A 18 23.96 -15.81 11.15
N ASN A 19 24.58 -15.09 10.23
CA ASN A 19 25.88 -14.50 10.49
C ASN A 19 25.80 -13.15 11.22
N GLY A 20 24.58 -12.68 11.43
CA GLY A 20 24.37 -11.37 12.04
C GLY A 20 24.33 -11.40 13.55
N PRO A 21 24.43 -10.21 14.14
CA PRO A 21 24.52 -10.04 15.61
C PRO A 21 23.20 -10.22 16.36
N TYR A 22 22.07 -10.24 15.66
CA TYR A 22 20.80 -10.44 16.37
C TYR A 22 20.55 -11.92 16.62
N SER A 23 19.88 -12.23 17.73
CA SER A 23 19.38 -13.60 17.94
C SER A 23 18.07 -13.75 17.14
N VAL A 24 17.78 -14.97 16.69
CA VAL A 24 16.68 -15.15 15.76
C VAL A 24 15.59 -16.06 16.28
N GLY A 25 14.35 -15.55 16.23
CA GLY A 25 13.20 -16.34 16.59
C GLY A 25 12.38 -16.72 15.37
N CYS A 26 11.54 -17.72 15.54
CA CYS A 26 10.62 -18.12 14.49
C CYS A 26 9.22 -18.49 15.02
N THR A 27 8.20 -18.13 14.26
CA THR A 27 6.84 -18.61 14.53
C THR A 27 6.04 -18.68 13.23
N ASP A 28 4.80 -19.16 13.33
CA ASP A 28 3.89 -19.22 12.19
C ASP A 28 2.65 -18.39 12.47
N LEU A 29 2.18 -17.68 11.44
CA LEU A 29 0.95 -16.91 11.58
C LEU A 29 -0.01 -17.19 10.41
N MET A 30 -1.26 -17.54 10.72
CA MET A 30 -2.29 -17.71 9.71
C MET A 30 -3.52 -16.85 10.01
N PHE A 31 -3.87 -15.95 9.08
CA PHE A 31 -5.04 -15.11 9.31
C PHE A 31 -5.53 -14.48 8.00
N ASP A 32 -6.83 -14.58 7.72
CA ASP A 32 -7.80 -15.35 8.51
C ASP A 32 -7.59 -16.86 8.35
N HIS A 33 -8.49 -17.66 8.89
CA HIS A 33 -8.27 -19.10 8.92
C HIS A 33 -8.56 -19.80 7.59
N THR A 34 -9.22 -19.11 6.65
CA THR A 34 -9.67 -19.79 5.41
C THR A 34 -8.59 -19.97 4.33
N ASN A 35 -9.01 -20.58 3.23
CA ASN A 35 -8.14 -20.78 2.08
C ASN A 35 -7.77 -19.46 1.36
N LYS A 36 -8.50 -18.39 1.65
CA LYS A 36 -8.22 -17.11 1.02
C LYS A 36 -7.39 -16.21 1.95
N GLY A 37 -7.25 -16.64 3.21
CA GLY A 37 -6.49 -15.89 4.19
C GLY A 37 -5.02 -16.04 3.98
N THR A 38 -4.24 -15.46 4.89
CA THR A 38 -2.79 -15.42 4.76
C THR A 38 -2.12 -16.45 5.67
N PHE A 39 -1.17 -17.20 5.12
CA PHE A 39 -0.37 -18.16 5.87
C PHE A 39 1.07 -17.77 5.67
N LEU A 40 1.80 -17.56 6.76
CA LEU A 40 3.21 -17.24 6.59
C LEU A 40 4.03 -17.77 7.75
N ARG A 41 5.32 -18.00 7.49
CA ARG A 41 6.29 -18.22 8.57
C ARG A 41 7.10 -16.94 8.83
N LEU A 42 7.21 -16.57 10.10
CA LEU A 42 7.95 -15.40 10.54
C LEU A 42 9.35 -15.74 11.11
N TYR A 43 10.39 -15.07 10.60
CA TYR A 43 11.68 -15.06 11.24
C TYR A 43 11.90 -13.61 11.70
N TYR A 44 12.46 -13.44 12.90
CA TYR A 44 12.55 -12.10 13.50
C TYR A 44 13.67 -12.06 14.55
N PRO A 45 14.25 -10.86 14.76
CA PRO A 45 15.24 -10.66 15.82
C PRO A 45 14.61 -10.92 17.17
N SER A 46 15.12 -11.89 17.90
CA SER A 46 14.49 -12.27 19.15
C SER A 46 15.23 -11.70 20.35
N GLN A 47 14.51 -11.52 21.45
CA GLN A 47 15.10 -10.93 22.66
C GLN A 47 16.20 -11.84 23.24
N ASP A 48 15.88 -13.12 23.43
CA ASP A 48 16.82 -14.08 24.03
C ASP A 48 17.21 -15.21 23.04
N ASN A 49 18.39 -15.80 23.25
CA ASN A 49 18.92 -16.85 22.35
C ASN A 49 19.04 -18.20 23.05
N ASP A 50 17.90 -18.72 23.52
CA ASP A 50 17.88 -19.86 24.43
C ASP A 50 18.09 -21.21 23.77
N ARG A 51 17.45 -21.43 22.62
CA ARG A 51 17.47 -22.75 22.02
C ARG A 51 17.06 -22.73 20.54
N LEU A 52 17.92 -23.29 19.68
CA LEU A 52 17.63 -23.36 18.25
C LEU A 52 16.79 -24.59 17.92
N ASP A 53 15.48 -24.53 18.18
CA ASP A 53 14.70 -25.76 18.17
C ASP A 53 13.55 -25.83 17.14
N THR A 54 13.55 -24.93 16.16
CA THR A 54 12.43 -24.85 15.21
C THR A 54 12.35 -26.06 14.26
N LEU A 55 11.20 -26.73 14.24
CA LEU A 55 11.00 -27.88 13.38
C LEU A 55 10.97 -27.43 11.91
N TRP A 56 11.89 -27.98 11.12
CA TRP A 56 12.14 -27.52 9.74
C TRP A 56 10.95 -27.75 8.82
N ILE A 57 10.44 -28.96 8.84
CA ILE A 57 9.29 -29.37 8.05
C ILE A 57 8.35 -29.99 9.05
N PRO A 58 7.30 -29.26 9.41
CA PRO A 58 6.61 -29.64 10.65
C PRO A 58 5.39 -30.54 10.47
N ASN A 59 5.05 -30.97 9.26
CA ASN A 59 3.91 -31.88 9.08
C ASN A 59 4.18 -32.95 8.04
N LYS A 60 3.57 -34.12 8.23
CA LYS A 60 3.86 -35.28 7.39
C LYS A 60 3.42 -35.04 5.95
N GLU A 61 2.28 -34.37 5.82
CA GLU A 61 1.69 -34.01 4.55
C GLU A 61 2.66 -33.28 3.60
N TYR A 62 3.61 -32.51 4.13
CA TYR A 62 4.58 -31.83 3.26
C TYR A 62 5.52 -32.85 2.62
N PHE A 63 5.95 -33.85 3.38
CA PHE A 63 6.77 -34.93 2.81
C PHE A 63 5.98 -35.69 1.76
N TRP A 64 4.69 -35.93 2.02
CA TRP A 64 3.84 -36.53 1.00
C TRP A 64 3.77 -35.59 -0.20
N GLY A 65 3.60 -34.31 0.09
CA GLY A 65 3.53 -33.28 -0.93
C GLY A 65 4.76 -33.28 -1.81
N LEU A 66 5.92 -33.29 -1.17
CA LEU A 66 7.20 -33.30 -1.89
C LEU A 66 7.32 -34.51 -2.81
N SER A 67 7.08 -35.70 -2.27
CA SER A 67 7.06 -36.93 -3.05
C SER A 67 6.17 -36.81 -4.31
N LYS A 68 4.95 -36.31 -4.16
CA LYS A 68 4.07 -36.09 -5.31
C LYS A 68 4.69 -35.13 -6.31
N PHE A 69 5.37 -34.09 -5.81
CA PHE A 69 6.03 -33.14 -6.69
C PHE A 69 7.18 -33.83 -7.42
N LEU A 70 8.00 -34.56 -6.67
CA LEU A 70 9.24 -35.10 -7.23
C LEU A 70 8.97 -36.19 -8.26
N GLY A 71 7.75 -36.71 -8.28
CA GLY A 71 7.39 -37.79 -9.19
C GLY A 71 7.46 -39.16 -8.52
N THR A 72 7.94 -39.17 -7.28
CA THR A 72 8.23 -40.38 -6.51
C THR A 72 7.00 -41.21 -6.13
N HIS A 73 7.25 -42.45 -5.70
CA HIS A 73 6.19 -43.36 -5.24
C HIS A 73 5.53 -42.87 -3.95
N TRP A 74 4.69 -43.72 -3.36
CA TRP A 74 4.02 -43.37 -2.10
C TRP A 74 4.96 -43.63 -0.93
N LEU A 75 6.03 -44.36 -1.21
CA LEU A 75 6.99 -44.76 -0.18
C LEU A 75 8.06 -43.70 0.07
N MET A 76 8.41 -42.95 -0.96
CA MET A 76 9.46 -41.97 -0.85
C MET A 76 9.07 -40.88 0.16
N GLY A 77 7.77 -40.59 0.20
CA GLY A 77 7.23 -39.65 1.18
C GLY A 77 7.62 -40.08 2.58
N ASN A 78 7.32 -41.33 2.91
CA ASN A 78 7.73 -41.87 4.20
C ASN A 78 9.25 -41.94 4.34
N ILE A 79 9.97 -42.17 3.26
CA ILE A 79 11.43 -42.19 3.37
C ILE A 79 11.97 -40.80 3.73
N LEU A 80 11.50 -39.78 3.00
CA LEU A 80 11.93 -38.41 3.25
C LEU A 80 11.54 -38.00 4.67
N ARG A 81 10.32 -38.39 5.04
CA ARG A 81 9.82 -38.10 6.36
C ARG A 81 10.71 -38.73 7.44
N LEU A 82 11.17 -39.95 7.18
CA LEU A 82 12.03 -40.66 8.13
C LEU A 82 13.39 -39.99 8.22
N LEU A 83 13.88 -39.49 7.10
CA LEU A 83 15.18 -38.83 7.06
C LEU A 83 15.18 -37.42 7.66
N PHE A 84 14.08 -36.68 7.49
CA PHE A 84 14.09 -35.26 7.81
C PHE A 84 13.02 -34.79 8.78
N GLY A 85 12.14 -35.69 9.19
CA GLY A 85 10.96 -35.34 9.98
C GLY A 85 11.21 -34.67 11.32
N SER A 86 12.44 -34.72 11.80
CA SER A 86 12.77 -34.12 13.08
C SER A 86 13.96 -33.15 12.98
N MET A 87 14.52 -33.04 11.78
CA MET A 87 15.55 -32.05 11.52
C MET A 87 15.06 -30.66 11.92
N THR A 88 15.93 -29.91 12.56
CA THR A 88 15.57 -28.57 12.94
C THR A 88 16.25 -27.54 12.05
N THR A 89 15.90 -26.27 12.24
CA THR A 89 16.63 -25.19 11.60
C THR A 89 16.93 -24.16 12.70
N PRO A 90 18.08 -23.47 12.63
CA PRO A 90 18.52 -22.76 13.84
C PRO A 90 17.83 -21.43 14.11
N ALA A 91 16.61 -21.51 14.59
CA ALA A 91 15.89 -20.36 15.11
C ALA A 91 15.22 -20.73 16.41
N ASN A 92 15.12 -19.77 17.34
CA ASN A 92 14.39 -19.95 18.60
C ASN A 92 12.89 -19.89 18.38
N TRP A 93 12.24 -21.05 18.41
CA TRP A 93 10.79 -21.14 18.26
C TRP A 93 10.00 -20.34 19.29
N ASN A 94 9.17 -19.41 18.79
CA ASN A 94 8.24 -18.63 19.62
C ASN A 94 8.94 -17.77 20.66
N SER A 95 10.24 -17.60 20.52
CA SER A 95 10.98 -16.68 21.36
C SER A 95 10.44 -15.25 21.21
N PRO A 96 10.38 -14.51 22.33
CA PRO A 96 9.93 -13.12 22.28
C PRO A 96 10.64 -12.29 21.22
N LEU A 97 9.90 -11.37 20.62
CA LEU A 97 10.49 -10.40 19.70
C LEU A 97 11.40 -9.43 20.47
N ARG A 98 12.58 -9.15 19.93
CA ARG A 98 13.47 -8.16 20.53
C ARG A 98 12.85 -6.77 20.41
N PRO A 99 12.52 -6.15 21.56
CA PRO A 99 11.84 -4.86 21.55
C PRO A 99 12.78 -3.67 21.28
N GLY A 100 12.19 -2.49 21.17
CA GLY A 100 12.95 -1.24 21.20
C GLY A 100 13.36 -0.65 19.88
N GLU A 101 12.95 -1.29 18.78
CA GLU A 101 13.38 -0.84 17.47
C GLU A 101 12.39 -1.27 16.38
N LYS A 102 12.23 -0.42 15.37
CA LYS A 102 11.47 -0.81 14.20
C LYS A 102 12.39 -1.53 13.22
N TYR A 103 11.93 -2.66 12.70
CA TYR A 103 12.74 -3.42 11.76
C TYR A 103 12.18 -3.31 10.35
N PRO A 104 13.07 -3.28 9.35
CA PRO A 104 12.65 -3.40 7.95
C PRO A 104 12.05 -4.78 7.72
N LEU A 105 11.09 -4.87 6.81
CA LEU A 105 10.32 -6.08 6.59
C LEU A 105 10.54 -6.65 5.18
N VAL A 106 10.74 -7.96 5.11
CA VAL A 106 10.82 -8.69 3.85
C VAL A 106 9.68 -9.70 3.73
N VAL A 107 9.01 -9.71 2.58
CA VAL A 107 8.04 -10.75 2.24
C VAL A 107 8.75 -11.74 1.31
N PHE A 108 8.69 -13.05 1.61
CA PHE A 108 9.42 -14.04 0.80
C PHE A 108 8.46 -15.00 0.11
N SER A 109 8.68 -15.22 -1.19
CA SER A 109 7.85 -16.10 -1.97
C SER A 109 8.60 -17.37 -2.44
N HIS A 110 8.18 -18.54 -1.93
CA HIS A 110 8.80 -19.84 -2.23
C HIS A 110 8.58 -20.27 -3.70
N GLY A 111 9.48 -21.11 -4.22
CA GLY A 111 9.33 -21.61 -5.57
C GLY A 111 8.35 -22.76 -5.70
N LEU A 112 8.22 -23.26 -6.92
CA LEU A 112 7.29 -24.35 -7.23
C LEU A 112 7.74 -25.63 -6.55
N GLY A 113 6.81 -26.29 -5.86
CA GLY A 113 7.14 -27.52 -5.16
C GLY A 113 7.61 -27.29 -3.74
N ALA A 114 7.95 -26.04 -3.44
CA ALA A 114 8.35 -25.68 -2.08
C ALA A 114 7.12 -25.33 -1.24
N PHE A 115 7.38 -24.66 -0.12
CA PHE A 115 6.36 -24.15 0.79
C PHE A 115 7.11 -23.26 1.80
N ARG A 116 6.39 -22.65 2.74
CA ARG A 116 6.93 -21.54 3.54
C ARG A 116 8.24 -21.83 4.31
N THR A 117 8.47 -23.08 4.69
CA THR A 117 9.58 -23.34 5.61
C THR A 117 10.87 -23.71 4.94
N LEU A 118 10.87 -23.82 3.60
CA LEU A 118 12.05 -24.35 2.87
C LEU A 118 13.10 -23.28 2.49
N TYR A 119 12.99 -22.07 3.02
CA TYR A 119 14.02 -21.09 2.68
C TYR A 119 14.52 -20.42 3.95
N SER A 120 14.69 -21.25 4.98
CA SER A 120 15.02 -20.78 6.33
C SER A 120 16.43 -20.25 6.41
N ALA A 121 17.34 -20.75 5.57
CA ALA A 121 18.71 -20.26 5.57
C ALA A 121 18.74 -18.79 5.18
N ILE A 122 18.00 -18.48 4.14
CA ILE A 122 17.89 -17.10 3.71
C ILE A 122 17.21 -16.27 4.80
N GLY A 123 16.10 -16.77 5.31
CA GLY A 123 15.30 -16.00 6.24
C GLY A 123 16.05 -15.74 7.54
N ILE A 124 16.66 -16.80 8.07
CA ILE A 124 17.33 -16.68 9.36
C ILE A 124 18.49 -15.69 9.27
N ASP A 125 19.26 -15.73 8.18
CA ASP A 125 20.36 -14.76 8.05
C ASP A 125 19.84 -13.33 8.01
N LEU A 126 18.77 -13.08 7.26
CA LEU A 126 18.14 -11.75 7.22
C LEU A 126 17.70 -11.28 8.61
N ALA A 127 17.13 -12.22 9.35
CA ALA A 127 16.62 -11.94 10.67
C ALA A 127 17.76 -11.63 11.62
N SER A 128 18.90 -12.30 11.42
CA SER A 128 20.05 -12.11 12.31
C SER A 128 20.75 -10.80 11.98
N HIS A 129 20.36 -10.17 10.88
CA HIS A 129 20.89 -8.85 10.53
C HIS A 129 19.89 -7.72 10.74
N GLY A 130 18.77 -8.02 11.42
CA GLY A 130 17.85 -6.96 11.82
C GLY A 130 16.50 -6.90 11.12
N PHE A 131 16.23 -7.87 10.26
CA PHE A 131 14.97 -7.96 9.54
C PHE A 131 13.97 -8.86 10.25
N ILE A 132 12.70 -8.50 10.09
CA ILE A 132 11.59 -9.43 10.27
C ILE A 132 11.32 -9.97 8.86
N VAL A 133 11.09 -11.27 8.75
CA VAL A 133 10.84 -11.91 7.47
C VAL A 133 9.54 -12.68 7.50
N ALA A 134 8.72 -12.48 6.48
CA ALA A 134 7.47 -13.19 6.37
C ALA A 134 7.56 -14.06 5.12
N ALA A 135 7.70 -15.36 5.34
CA ALA A 135 7.74 -16.30 4.23
C ALA A 135 6.34 -16.86 4.08
N VAL A 136 5.71 -16.50 2.97
CA VAL A 136 4.31 -16.86 2.78
C VAL A 136 4.18 -18.26 2.19
N GLU A 137 3.15 -18.96 2.60
CA GLU A 137 2.78 -20.21 1.92
C GLU A 137 1.73 -19.90 0.86
N HIS A 138 2.04 -20.18 -0.40
CA HIS A 138 1.08 -19.85 -1.44
C HIS A 138 -0.01 -20.91 -1.49
N ARG A 139 -1.21 -20.45 -1.81
CA ARG A 139 -2.37 -21.29 -1.95
C ARG A 139 -2.80 -21.35 -3.43
N ASP A 140 -1.85 -21.12 -4.33
CA ASP A 140 -2.11 -21.19 -5.76
C ASP A 140 -1.94 -22.61 -6.31
N ARG A 141 -1.82 -23.57 -5.40
CA ARG A 141 -1.52 -24.96 -5.74
C ARG A 141 -0.13 -25.11 -6.39
N SER A 142 0.74 -24.11 -6.20
CA SER A 142 2.15 -24.27 -6.56
C SER A 142 2.98 -24.89 -5.43
N ALA A 143 2.57 -24.73 -4.18
CA ALA A 143 3.25 -25.47 -3.10
C ALA A 143 2.96 -26.97 -3.27
N SER A 144 3.98 -27.80 -3.02
CA SER A 144 3.78 -29.24 -2.86
C SER A 144 2.53 -29.45 -2.05
N ALA A 145 2.51 -28.80 -0.90
CA ALA A 145 1.33 -28.85 -0.05
C ALA A 145 1.21 -27.58 0.79
N THR A 146 0.00 -27.36 1.30
CA THR A 146 -0.26 -26.30 2.25
C THR A 146 -1.60 -26.63 2.84
N TYR A 147 -1.95 -25.99 3.97
CA TYR A 147 -3.28 -26.17 4.56
C TYR A 147 -3.93 -24.86 4.99
N TYR A 148 -5.22 -24.95 5.30
CA TYR A 148 -6.07 -23.87 5.82
C TYR A 148 -7.15 -24.57 6.60
N PHE A 149 -8.10 -23.80 7.14
CA PHE A 149 -9.22 -24.38 7.87
C PHE A 149 -10.54 -24.00 7.26
N LYS A 150 -11.49 -24.94 7.27
CA LYS A 150 -12.80 -24.77 6.64
C LYS A 150 -13.75 -23.86 7.44
N ASP A 151 -13.50 -23.71 8.72
CA ASP A 151 -14.30 -22.83 9.57
C ASP A 151 -13.53 -22.62 10.85
N GLN A 152 -14.01 -21.70 11.67
CA GLN A 152 -13.31 -21.29 12.87
C GLN A 152 -13.10 -22.47 13.83
N SER A 153 -14.13 -23.29 13.99
CA SER A 153 -14.08 -24.40 14.94
C SER A 153 -13.05 -25.46 14.51
N ALA A 154 -12.81 -25.60 13.21
CA ALA A 154 -11.80 -26.53 12.72
C ALA A 154 -10.43 -26.02 13.08
N ALA A 155 -10.28 -24.68 13.01
CA ALA A 155 -9.01 -24.06 13.35
C ALA A 155 -8.72 -24.29 14.84
N GLU A 156 -9.76 -24.18 15.64
CA GLU A 156 -9.65 -24.38 17.08
C GLU A 156 -9.23 -25.81 17.43
N ILE A 157 -9.62 -26.76 16.57
CA ILE A 157 -9.36 -28.18 16.81
C ILE A 157 -8.04 -28.63 16.15
N GLY A 158 -7.51 -27.80 15.24
CA GLY A 158 -6.38 -28.21 14.43
C GLY A 158 -6.78 -29.22 13.38
N ASP A 159 -8.07 -29.22 13.02
CA ASP A 159 -8.61 -30.08 11.97
C ASP A 159 -8.32 -29.46 10.61
N LYS A 160 -7.13 -29.76 10.07
CA LYS A 160 -6.57 -29.14 8.86
C LYS A 160 -7.18 -29.66 7.57
N SER A 161 -7.21 -28.80 6.55
CA SER A 161 -7.60 -29.22 5.21
C SER A 161 -6.44 -28.98 4.27
N TRP A 162 -5.92 -30.06 3.70
CA TRP A 162 -4.68 -29.99 2.93
C TRP A 162 -4.93 -29.75 1.46
N LEU A 163 -4.07 -28.91 0.89
CA LEU A 163 -4.09 -28.59 -0.53
C LEU A 163 -2.76 -29.05 -1.16
N TYR A 164 -2.82 -29.80 -2.24
CA TYR A 164 -1.60 -30.32 -2.85
C TYR A 164 -1.32 -29.72 -4.21
N LEU A 165 -0.07 -29.86 -4.63
CA LEU A 165 0.42 -29.28 -5.89
C LEU A 165 -0.46 -29.70 -7.05
N ARG A 166 -0.60 -28.80 -8.03
CA ARG A 166 -1.42 -29.11 -9.19
C ARG A 166 -0.53 -29.41 -10.40
N THR A 167 -0.59 -30.64 -10.86
CA THR A 167 0.13 -31.01 -12.07
C THR A 167 -0.62 -30.48 -13.29
N LEU A 168 0.09 -29.87 -14.23
CA LEU A 168 -0.56 -29.22 -15.36
C LEU A 168 -0.26 -29.93 -16.67
N LYS A 169 -1.23 -29.96 -17.56
CA LYS A 169 -0.99 -30.33 -18.95
C LYS A 169 -0.26 -29.19 -19.68
N GLN A 170 0.54 -29.52 -20.68
CA GLN A 170 1.23 -28.51 -21.51
C GLN A 170 0.28 -27.45 -22.06
N GLU A 171 -0.91 -27.85 -22.48
CA GLU A 171 -1.93 -26.89 -22.96
C GLU A 171 -2.21 -25.82 -21.92
N GLU A 172 -2.22 -26.21 -20.65
CA GLU A 172 -2.54 -25.32 -19.54
C GLU A 172 -1.45 -24.30 -19.15
N GLU A 173 -0.19 -24.72 -19.28
CA GLU A 173 0.96 -24.05 -18.63
C GLU A 173 0.99 -22.53 -18.82
N THR A 174 0.62 -22.03 -19.99
CA THR A 174 0.75 -20.61 -20.21
C THR A 174 -0.31 -19.87 -19.37
N HIS A 175 -1.58 -20.22 -19.56
CA HIS A 175 -2.66 -19.56 -18.83
C HIS A 175 -2.57 -19.75 -17.32
N ILE A 176 -2.39 -20.97 -16.85
CA ILE A 176 -2.48 -21.27 -15.43
C ILE A 176 -1.30 -20.74 -14.62
N ARG A 177 -0.09 -20.83 -15.18
CA ARG A 177 1.06 -20.25 -14.52
C ARG A 177 0.92 -18.73 -14.37
N ASN A 178 0.29 -18.08 -15.35
CA ASN A 178 0.10 -16.64 -15.24
C ASN A 178 -1.00 -16.30 -14.23
N GLU A 179 -2.01 -17.14 -14.11
CA GLU A 179 -3.06 -16.97 -13.09
C GLU A 179 -2.50 -17.15 -11.69
N GLN A 180 -1.53 -18.06 -11.58
CA GLN A 180 -0.87 -18.39 -10.31
C GLN A 180 0.08 -17.28 -9.87
N VAL A 181 0.86 -16.74 -10.80
CA VAL A 181 1.73 -15.66 -10.39
C VAL A 181 0.87 -14.43 -10.01
N ARG A 182 -0.29 -14.24 -10.63
CA ARG A 182 -1.13 -13.11 -10.20
C ARG A 182 -1.61 -13.35 -8.78
N GLN A 183 -2.20 -14.53 -8.52
CA GLN A 183 -2.61 -14.87 -7.16
C GLN A 183 -1.45 -14.69 -6.17
N ARG A 184 -0.24 -15.10 -6.59
CA ARG A 184 0.94 -15.08 -5.73
C ARG A 184 1.30 -13.66 -5.29
N ALA A 185 1.32 -12.73 -6.26
CA ALA A 185 1.50 -11.31 -6.00
C ALA A 185 0.44 -10.77 -5.05
N LYS A 186 -0.80 -11.21 -5.25
CA LYS A 186 -1.89 -10.80 -4.38
C LYS A 186 -1.69 -11.36 -2.94
N GLU A 187 -0.97 -12.46 -2.82
CA GLU A 187 -0.78 -13.05 -1.51
C GLU A 187 0.42 -12.41 -0.84
N CYS A 188 1.34 -11.91 -1.64
CA CYS A 188 2.43 -11.20 -1.05
C CYS A 188 1.91 -9.88 -0.50
N SER A 189 1.01 -9.28 -1.25
CA SER A 189 0.40 -8.02 -0.88
C SER A 189 -0.53 -8.16 0.32
N GLN A 190 -1.30 -9.24 0.32
CA GLN A 190 -2.20 -9.53 1.43
C GLN A 190 -1.42 -9.71 2.73
N ALA A 191 -0.34 -10.52 2.65
CA ALA A 191 0.55 -10.78 3.79
C ALA A 191 1.20 -9.51 4.34
N LEU A 192 1.76 -8.71 3.44
CA LEU A 192 2.26 -7.38 3.79
C LEU A 192 1.20 -6.57 4.57
N SER A 193 -0.05 -6.58 4.08
CA SER A 193 -1.15 -5.85 4.74
C SER A 193 -1.43 -6.37 6.12
N LEU A 194 -1.44 -7.69 6.27
CA LEU A 194 -1.68 -8.28 7.59
C LEU A 194 -0.64 -7.77 8.60
N ILE A 195 0.64 -7.85 8.24
CA ILE A 195 1.72 -7.41 9.10
C ILE A 195 1.57 -5.89 9.39
N LEU A 196 1.46 -5.08 8.34
CA LEU A 196 1.29 -3.63 8.50
C LEU A 196 0.10 -3.30 9.40
N ASP A 197 -0.97 -4.07 9.27
CA ASP A 197 -2.15 -3.77 10.08
C ASP A 197 -1.95 -4.20 11.53
N ILE A 198 -1.22 -5.29 11.75
CA ILE A 198 -0.89 -5.71 13.11
C ILE A 198 0.06 -4.68 13.70
N ASP A 199 1.00 -4.24 12.88
CA ASP A 199 1.88 -3.16 13.26
C ASP A 199 1.12 -1.93 13.81
N HIS A 200 -0.09 -1.68 13.33
CA HIS A 200 -0.84 -0.52 13.77
C HIS A 200 -2.08 -0.87 14.58
N GLY A 201 -2.04 -2.05 15.20
CA GLY A 201 -2.97 -2.38 16.26
C GLY A 201 -4.21 -3.17 15.92
N LYS A 202 -4.28 -3.74 14.71
CA LYS A 202 -5.44 -4.54 14.39
C LYS A 202 -5.43 -5.80 15.24
N PRO A 203 -6.51 -6.03 15.99
CA PRO A 203 -6.51 -7.24 16.82
C PRO A 203 -6.64 -8.47 15.94
N VAL A 204 -5.70 -9.41 16.01
CA VAL A 204 -5.89 -10.66 15.28
C VAL A 204 -5.88 -11.88 16.19
N LYS A 205 -6.75 -12.84 15.89
CA LYS A 205 -6.63 -14.15 16.50
C LYS A 205 -5.95 -15.10 15.51
N ASN A 206 -4.67 -15.37 15.75
CA ASN A 206 -3.93 -16.36 14.97
C ASN A 206 -4.72 -17.67 14.84
N ALA A 207 -4.83 -18.20 13.63
CA ALA A 207 -5.59 -19.44 13.47
C ALA A 207 -4.83 -20.64 14.03
N LEU A 208 -3.52 -20.47 14.21
CA LEU A 208 -2.73 -21.47 14.92
C LEU A 208 -2.56 -21.04 16.39
N ASP A 209 -2.69 -22.00 17.30
CA ASP A 209 -2.48 -21.71 18.71
C ASP A 209 -1.01 -21.90 19.10
N LEU A 210 -0.24 -20.80 19.08
CA LEU A 210 1.19 -20.85 19.38
C LEU A 210 1.50 -19.94 20.55
N LYS A 211 2.64 -20.13 21.22
CA LYS A 211 2.96 -19.32 22.39
C LYS A 211 3.25 -17.85 22.02
N PHE A 212 3.81 -17.61 20.84
CA PHE A 212 4.16 -16.25 20.43
C PHE A 212 2.93 -15.33 20.39
N ASP A 213 2.96 -14.22 21.12
CA ASP A 213 1.82 -13.31 21.17
C ASP A 213 1.96 -12.25 20.08
N MET A 214 1.08 -12.29 19.09
CA MET A 214 1.19 -11.38 17.95
C MET A 214 1.07 -9.92 18.36
N GLU A 215 0.64 -9.66 19.59
CA GLU A 215 0.61 -8.30 20.12
C GLU A 215 1.98 -7.64 20.06
N GLN A 216 3.03 -8.43 20.25
CA GLN A 216 4.40 -7.95 20.25
C GLN A 216 4.77 -7.23 18.94
N LEU A 217 4.08 -7.59 17.86
CA LEU A 217 4.39 -7.02 16.56
C LEU A 217 3.94 -5.57 16.44
N LYS A 218 3.05 -5.13 17.34
CA LYS A 218 2.64 -3.72 17.43
C LYS A 218 3.84 -2.79 17.37
N ASP A 219 3.83 -1.86 16.43
CA ASP A 219 4.88 -0.84 16.30
C ASP A 219 6.28 -1.44 16.28
N SER A 220 6.46 -2.48 15.48
CA SER A 220 7.76 -3.15 15.37
C SER A 220 8.27 -3.09 13.95
N ILE A 221 7.45 -2.54 13.07
CA ILE A 221 7.79 -2.49 11.66
C ILE A 221 8.27 -1.09 11.22
N ASP A 222 9.40 -1.02 10.55
CA ASP A 222 9.76 0.21 9.85
C ASP A 222 9.06 0.23 8.48
N ARG A 223 7.92 0.93 8.40
CA ARG A 223 6.95 0.76 7.31
C ARG A 223 7.38 1.32 5.94
N GLU A 224 8.50 2.02 5.92
CA GLU A 224 9.04 2.58 4.70
C GLU A 224 10.12 1.68 4.08
N LYS A 225 10.54 0.67 4.83
CA LYS A 225 11.64 -0.19 4.41
C LYS A 225 11.14 -1.62 4.19
N ILE A 226 10.50 -1.83 3.04
CA ILE A 226 9.87 -3.09 2.74
C ILE A 226 10.39 -3.60 1.41
N ALA A 227 10.71 -4.89 1.39
CA ALA A 227 11.18 -5.53 0.18
C ALA A 227 10.49 -6.87 0.01
N VAL A 228 10.36 -7.27 -1.25
CA VAL A 228 9.85 -8.59 -1.59
C VAL A 228 11.01 -9.40 -2.21
N ILE A 229 11.18 -10.64 -1.74
CA ILE A 229 12.26 -11.53 -2.22
C ILE A 229 11.63 -12.88 -2.55
N GLY A 230 12.24 -13.64 -3.46
CA GLY A 230 11.57 -14.81 -4.00
C GLY A 230 12.45 -15.69 -4.85
N HIS A 231 12.25 -16.99 -4.73
CA HIS A 231 13.07 -17.95 -5.47
C HIS A 231 12.33 -18.59 -6.63
N SER A 232 12.93 -18.54 -7.81
CA SER A 232 12.38 -19.27 -8.97
C SER A 232 10.97 -18.80 -9.36
N PHE A 233 9.93 -19.60 -9.10
CA PHE A 233 8.56 -19.11 -9.27
C PHE A 233 8.41 -17.86 -8.40
N GLY A 234 9.07 -17.89 -7.24
CA GLY A 234 9.03 -16.80 -6.29
C GLY A 234 9.80 -15.62 -6.87
N GLY A 235 10.77 -15.92 -7.71
CA GLY A 235 11.47 -14.88 -8.44
C GLY A 235 10.51 -14.11 -9.35
N ALA A 236 9.54 -14.82 -9.94
CA ALA A 236 8.61 -14.19 -10.87
C ALA A 236 7.57 -13.41 -10.09
N THR A 237 7.21 -14.00 -8.97
CA THR A 237 6.32 -13.41 -8.00
C THR A 237 6.83 -12.04 -7.57
N VAL A 238 8.14 -11.93 -7.35
CA VAL A 238 8.75 -10.65 -7.03
C VAL A 238 8.44 -9.59 -8.07
N ILE A 239 8.59 -9.94 -9.36
CA ILE A 239 8.48 -8.96 -10.42
C ILE A 239 7.03 -8.53 -10.60
N GLN A 240 6.11 -9.49 -10.41
CA GLN A 240 4.67 -9.23 -10.47
C GLN A 240 4.17 -8.42 -9.27
N THR A 241 4.70 -8.74 -8.09
CA THR A 241 4.34 -8.05 -6.87
C THR A 241 4.81 -6.59 -6.98
N LEU A 242 6.05 -6.38 -7.40
CA LEU A 242 6.57 -5.02 -7.57
C LEU A 242 5.62 -4.18 -8.45
N SER A 243 5.12 -4.76 -9.54
CA SER A 243 4.36 -3.99 -10.53
C SER A 243 3.01 -3.60 -9.98
N GLU A 244 2.50 -4.39 -9.02
CA GLU A 244 1.18 -4.14 -8.44
C GLU A 244 1.18 -3.23 -7.20
N ASP A 245 2.29 -3.20 -6.47
CA ASP A 245 2.27 -2.75 -5.07
C ASP A 245 3.49 -1.89 -4.77
N GLN A 246 3.30 -0.57 -4.77
CA GLN A 246 4.41 0.33 -4.54
C GLN A 246 4.79 0.41 -3.05
N ARG A 247 4.10 -0.33 -2.19
CA ARG A 247 4.57 -0.46 -0.81
C ARG A 247 5.88 -1.26 -0.78
N PHE A 248 6.09 -2.15 -1.75
CA PHE A 248 7.39 -2.81 -1.87
C PHE A 248 8.34 -1.87 -2.61
N ARG A 249 9.44 -1.52 -1.94
CA ARG A 249 10.32 -0.43 -2.39
C ARG A 249 11.49 -0.98 -3.19
N CYS A 250 11.72 -2.29 -3.09
CA CYS A 250 12.64 -2.98 -3.98
C CYS A 250 12.38 -4.47 -3.99
N GLY A 251 12.98 -5.14 -4.97
CA GLY A 251 12.76 -6.55 -5.17
C GLY A 251 14.07 -7.26 -5.44
N ILE A 252 14.18 -8.48 -4.95
CA ILE A 252 15.34 -9.33 -5.16
C ILE A 252 14.89 -10.69 -5.70
N ALA A 253 15.27 -10.99 -6.93
CA ALA A 253 14.84 -12.21 -7.59
C ALA A 253 15.96 -13.26 -7.56
N LEU A 254 15.77 -14.32 -6.79
CA LEU A 254 16.75 -15.40 -6.77
C LEU A 254 16.47 -16.41 -7.87
N ASP A 255 17.28 -16.38 -8.92
CA ASP A 255 17.20 -17.34 -10.02
C ASP A 255 15.75 -17.41 -10.53
N ALA A 256 15.19 -16.28 -10.94
CA ALA A 256 13.78 -16.23 -11.33
C ALA A 256 13.45 -17.16 -12.48
N TRP A 257 12.22 -17.62 -12.45
CA TRP A 257 11.63 -18.34 -13.56
C TRP A 257 10.59 -17.42 -14.20
N MET A 258 10.92 -16.87 -15.36
CA MET A 258 10.19 -15.74 -15.93
C MET A 258 8.96 -16.13 -16.74
N PHE A 259 8.92 -17.39 -17.17
CA PHE A 259 7.81 -17.93 -17.96
C PHE A 259 6.39 -17.48 -17.55
N PRO A 260 6.04 -17.47 -16.24
CA PRO A 260 4.69 -17.05 -15.86
C PRO A 260 4.29 -15.59 -16.18
N LEU A 261 5.25 -14.69 -16.39
CA LEU A 261 4.92 -13.26 -16.47
C LEU A 261 4.28 -12.90 -17.82
N GLY A 262 3.28 -12.04 -17.80
CA GLY A 262 2.73 -11.48 -19.02
C GLY A 262 3.64 -10.36 -19.47
N ASP A 263 3.59 -10.00 -20.75
CA ASP A 263 4.52 -9.00 -21.31
C ASP A 263 4.27 -7.60 -20.77
N GLU A 264 3.11 -7.41 -20.17
CA GLU A 264 2.77 -6.11 -19.60
C GLU A 264 3.53 -5.72 -18.31
N VAL A 265 4.16 -6.67 -17.59
CA VAL A 265 4.75 -6.28 -16.30
C VAL A 265 6.05 -5.50 -16.45
N TYR A 266 6.83 -5.83 -17.48
CA TYR A 266 8.15 -5.25 -17.69
C TYR A 266 8.13 -3.72 -17.70
N SER A 267 7.11 -3.15 -18.33
CA SER A 267 7.02 -1.70 -18.46
C SER A 267 6.57 -1.03 -17.17
N ARG A 268 6.17 -1.83 -16.17
CA ARG A 268 5.48 -1.31 -14.99
C ARG A 268 6.22 -1.41 -13.67
N ILE A 269 7.52 -1.67 -13.67
CA ILE A 269 8.20 -1.80 -12.39
C ILE A 269 9.19 -0.66 -12.13
N PRO A 270 8.76 0.35 -11.37
CA PRO A 270 9.64 1.48 -11.05
C PRO A 270 10.73 1.16 -10.02
N GLN A 271 10.44 0.30 -9.04
CA GLN A 271 11.38 0.02 -7.96
C GLN A 271 12.64 -0.71 -8.43
N PRO A 272 13.75 -0.51 -7.71
CA PRO A 272 14.98 -1.29 -7.89
C PRO A 272 14.75 -2.81 -7.83
N LEU A 273 15.45 -3.54 -8.71
CA LEU A 273 15.30 -4.98 -8.90
C LEU A 273 16.68 -5.59 -9.00
N PHE A 274 16.91 -6.66 -8.24
CA PHE A 274 18.20 -7.32 -8.21
C PHE A 274 18.01 -8.81 -8.59
N PHE A 275 18.65 -9.24 -9.68
CA PHE A 275 18.62 -10.65 -10.09
C PHE A 275 19.87 -11.36 -9.57
N ILE A 276 19.67 -12.40 -8.78
CA ILE A 276 20.78 -13.24 -8.34
C ILE A 276 20.56 -14.63 -8.92
N ASN A 277 21.45 -15.04 -9.81
CA ASN A 277 21.30 -16.24 -10.61
C ASN A 277 22.27 -17.36 -10.21
N SER A 278 21.87 -18.61 -10.40
CA SER A 278 22.83 -19.71 -10.30
C SER A 278 23.45 -19.88 -11.67
N GLU A 279 24.68 -20.39 -11.70
CA GLU A 279 25.37 -20.52 -12.96
C GLU A 279 24.73 -21.58 -13.87
N TYR A 280 24.16 -22.62 -13.28
CA TYR A 280 23.83 -23.83 -14.03
C TYR A 280 22.35 -23.97 -14.33
N PHE A 281 21.54 -23.05 -13.86
CA PHE A 281 20.12 -23.13 -14.15
C PHE A 281 19.75 -22.29 -15.39
N GLN A 282 20.38 -21.14 -15.58
CA GLN A 282 19.86 -20.18 -16.55
C GLN A 282 20.03 -20.61 -18.00
N TYR A 283 19.12 -20.14 -18.83
CA TYR A 283 19.08 -20.43 -20.26
C TYR A 283 18.56 -19.19 -20.99
N PRO A 284 19.04 -18.97 -22.23
CA PRO A 284 18.82 -17.70 -22.96
C PRO A 284 17.38 -17.18 -22.98
N ALA A 285 16.40 -18.05 -23.07
CA ALA A 285 15.00 -17.64 -23.23
C ALA A 285 14.45 -17.10 -21.93
N ASN A 286 15.08 -17.50 -20.85
CA ASN A 286 14.67 -17.01 -19.55
C ASN A 286 15.36 -15.68 -19.24
N ILE A 287 16.66 -15.63 -19.49
CA ILE A 287 17.49 -14.42 -19.37
C ILE A 287 16.97 -13.22 -20.18
N ILE A 288 16.39 -13.47 -21.35
CA ILE A 288 16.00 -12.40 -22.24
C ILE A 288 14.81 -11.64 -21.65
N LYS A 289 14.00 -12.34 -20.86
CA LYS A 289 12.92 -11.70 -20.11
C LYS A 289 13.48 -10.83 -19.00
N MET A 290 14.62 -11.26 -18.42
CA MET A 290 15.25 -10.47 -17.36
C MET A 290 15.81 -9.19 -17.97
N LYS A 291 16.43 -9.29 -19.12
CA LYS A 291 16.95 -8.09 -19.75
C LYS A 291 15.81 -7.15 -20.20
N LYS A 292 14.60 -7.67 -20.41
CA LYS A 292 13.49 -6.82 -20.83
C LYS A 292 13.19 -5.78 -19.73
N CYS A 293 13.38 -6.18 -18.46
CA CYS A 293 13.20 -5.29 -17.31
C CYS A 293 14.16 -4.09 -17.26
N TYR A 294 15.20 -4.08 -18.10
CA TYR A 294 16.24 -3.03 -18.05
C TYR A 294 15.86 -1.73 -18.81
N SER A 295 16.04 -0.63 -18.11
CA SER A 295 15.79 0.69 -18.68
C SER A 295 16.72 1.67 -17.98
N PRO A 296 17.28 2.62 -18.75
CA PRO A 296 18.18 3.66 -18.22
C PRO A 296 17.65 4.35 -16.97
N ASP A 297 16.36 4.70 -16.97
CA ASP A 297 15.65 5.26 -15.79
C ASP A 297 15.36 4.29 -14.64
N LYS A 298 15.89 3.06 -14.69
CA LYS A 298 15.65 2.10 -13.60
C LYS A 298 16.94 1.45 -13.11
N GLU A 299 16.95 1.06 -11.85
CA GLU A 299 18.05 0.29 -11.31
C GLU A 299 17.77 -1.22 -11.42
N ARG A 300 18.54 -1.91 -12.26
CA ARG A 300 18.51 -3.37 -12.33
C ARG A 300 19.92 -3.90 -12.22
N LYS A 301 20.14 -4.84 -11.31
CA LYS A 301 21.45 -5.44 -11.16
C LYS A 301 21.33 -6.94 -11.34
N MET A 302 22.42 -7.57 -11.78
CA MET A 302 22.46 -8.99 -12.03
C MET A 302 23.84 -9.57 -11.71
N ILE A 303 23.85 -10.61 -10.89
CA ILE A 303 25.07 -11.36 -10.67
C ILE A 303 24.78 -12.86 -10.80
N THR A 304 25.80 -13.64 -11.11
CA THR A 304 25.64 -15.08 -11.21
C THR A 304 26.61 -15.78 -10.25
N ILE A 305 26.07 -16.64 -9.40
CA ILE A 305 26.88 -17.33 -8.40
C ILE A 305 27.56 -18.50 -9.11
N ARG A 306 28.88 -18.45 -9.14
CA ARG A 306 29.67 -19.39 -9.92
C ARG A 306 29.65 -20.81 -9.35
N GLY A 307 29.28 -21.75 -10.20
CA GLY A 307 29.29 -23.17 -9.86
C GLY A 307 28.11 -23.58 -9.00
N SER A 308 27.07 -22.76 -9.02
CA SER A 308 25.86 -23.05 -8.27
C SER A 308 24.76 -23.60 -9.17
N VAL A 309 23.87 -24.36 -8.54
CA VAL A 309 22.70 -24.90 -9.22
C VAL A 309 21.46 -24.20 -8.64
N HIS A 310 20.33 -24.40 -9.31
CA HIS A 310 19.02 -23.83 -8.95
C HIS A 310 18.68 -23.97 -7.46
N GLN A 311 18.96 -25.15 -6.92
CA GLN A 311 18.56 -25.55 -5.57
C GLN A 311 19.50 -24.97 -4.51
N ASN A 312 20.49 -24.21 -4.94
CA ASN A 312 21.42 -23.63 -3.98
C ASN A 312 20.74 -22.58 -3.11
N PHE A 313 19.62 -22.06 -3.59
CA PHE A 313 18.94 -21.03 -2.83
C PHE A 313 17.99 -21.63 -1.77
N ALA A 314 17.62 -22.90 -1.91
CA ALA A 314 16.69 -23.53 -0.97
C ALA A 314 17.38 -24.41 0.08
N ASP A 315 16.68 -24.70 1.18
CA ASP A 315 17.30 -25.38 2.31
C ASP A 315 17.77 -26.83 2.04
N PHE A 316 17.27 -27.48 0.99
CA PHE A 316 17.64 -28.87 0.75
C PHE A 316 19.08 -28.98 0.27
N THR A 317 19.71 -27.84 0.02
CA THR A 317 21.12 -27.80 -0.38
C THR A 317 22.03 -28.10 0.83
N PHE A 318 21.44 -28.03 2.04
CA PHE A 318 22.11 -28.32 3.31
C PHE A 318 21.56 -29.59 3.99
N ALA A 319 20.81 -30.39 3.25
CA ALA A 319 20.11 -31.52 3.88
C ALA A 319 20.78 -32.89 3.65
N THR A 320 21.80 -32.92 2.80
CA THR A 320 22.54 -34.17 2.52
C THR A 320 24.03 -33.91 2.51
N GLY A 321 24.80 -34.97 2.35
CA GLY A 321 26.24 -34.87 2.22
C GLY A 321 26.62 -34.43 0.82
N LYS A 322 27.91 -34.12 0.64
CA LYS A 322 28.44 -33.66 -0.64
C LYS A 322 28.10 -34.53 -1.83
N ILE A 323 28.25 -35.86 -1.71
CA ILE A 323 28.15 -36.71 -2.90
C ILE A 323 26.69 -36.88 -3.27
N ILE A 324 25.87 -37.29 -2.32
CA ILE A 324 24.43 -37.36 -2.49
C ILE A 324 23.84 -36.04 -3.01
N GLY A 325 24.36 -34.94 -2.50
CA GLY A 325 23.88 -33.60 -2.84
C GLY A 325 24.06 -33.34 -4.31
N HIS A 326 25.26 -33.60 -4.81
CA HIS A 326 25.57 -33.47 -6.22
C HIS A 326 24.70 -34.40 -7.05
N MET A 327 24.57 -35.64 -6.60
CA MET A 327 23.79 -36.62 -7.35
C MET A 327 22.37 -36.12 -7.55
N LEU A 328 21.77 -35.64 -6.46
CA LEU A 328 20.38 -35.14 -6.48
C LEU A 328 20.25 -33.71 -7.04
N LYS A 329 21.38 -33.07 -7.36
CA LYS A 329 21.42 -31.68 -7.84
C LYS A 329 20.92 -30.71 -6.77
N LEU A 330 21.03 -31.11 -5.51
CA LEU A 330 20.79 -30.23 -4.40
C LEU A 330 21.99 -29.32 -4.16
N LYS A 331 23.15 -29.80 -4.59
CA LYS A 331 24.40 -29.08 -4.39
C LYS A 331 25.11 -28.85 -5.72
N GLY A 332 25.82 -27.73 -5.81
CA GLY A 332 26.63 -27.48 -6.99
C GLY A 332 28.10 -27.80 -6.77
N ASP A 333 28.97 -27.29 -7.64
CA ASP A 333 30.42 -27.39 -7.43
C ASP A 333 30.83 -26.56 -6.23
N ILE A 334 30.20 -25.41 -6.09
CA ILE A 334 30.53 -24.48 -5.03
C ILE A 334 29.97 -25.05 -3.73
N ASP A 335 30.67 -24.81 -2.63
CA ASP A 335 30.16 -25.12 -1.30
C ASP A 335 28.86 -24.33 -1.03
N SER A 336 27.87 -25.00 -0.45
CA SER A 336 26.53 -24.45 -0.25
C SER A 336 26.53 -23.31 0.78
N ASN A 337 27.57 -23.25 1.60
CA ASN A 337 27.64 -22.18 2.58
C ASN A 337 28.28 -20.97 1.94
N VAL A 338 29.16 -21.22 0.99
CA VAL A 338 29.84 -20.11 0.34
C VAL A 338 28.84 -19.45 -0.60
N ALA A 339 28.00 -20.28 -1.25
CA ALA A 339 26.97 -19.79 -2.15
C ALA A 339 25.97 -18.88 -1.43
N ILE A 340 25.36 -19.41 -0.37
CA ILE A 340 24.26 -18.75 0.31
C ILE A 340 24.76 -17.53 1.11
N ASP A 341 26.04 -17.51 1.48
CA ASP A 341 26.62 -16.31 2.08
C ASP A 341 26.74 -15.19 1.03
N LEU A 342 27.26 -15.55 -0.13
CA LEU A 342 27.40 -14.61 -1.23
C LEU A 342 26.03 -14.08 -1.60
N SER A 343 25.01 -14.94 -1.55
CA SER A 343 23.67 -14.48 -1.90
C SER A 343 23.03 -13.62 -0.79
N ASN A 344 23.23 -14.01 0.47
CA ASN A 344 22.71 -13.22 1.57
C ASN A 344 23.44 -11.86 1.69
N LYS A 345 24.76 -11.85 1.51
CA LYS A 345 25.55 -10.63 1.64
C LYS A 345 25.29 -9.60 0.52
N ALA A 346 25.29 -10.08 -0.72
CA ALA A 346 24.88 -9.26 -1.86
C ALA A 346 23.51 -8.63 -1.61
N SER A 347 22.59 -9.44 -1.12
CA SER A 347 21.23 -9.01 -0.81
C SER A 347 21.25 -7.90 0.25
N LEU A 348 22.00 -8.13 1.33
CA LEU A 348 22.08 -7.18 2.42
C LEU A 348 22.60 -5.83 1.89
N ALA A 349 23.59 -5.87 1.02
CA ALA A 349 24.11 -4.66 0.38
C ALA A 349 23.02 -3.99 -0.45
N PHE A 350 22.21 -4.79 -1.14
CA PHE A 350 21.16 -4.26 -1.99
C PHE A 350 20.05 -3.65 -1.15
N LEU A 351 19.64 -4.35 -0.09
CA LEU A 351 18.59 -3.89 0.80
C LEU A 351 19.00 -2.59 1.51
N GLN A 352 20.22 -2.50 1.99
CA GLN A 352 20.71 -1.26 2.58
C GLN A 352 20.64 -0.07 1.59
N LYS A 353 21.14 -0.27 0.38
CA LYS A 353 21.22 0.81 -0.59
C LYS A 353 19.85 1.33 -1.00
N HIS A 354 18.84 0.47 -1.06
CA HIS A 354 17.55 0.90 -1.58
C HIS A 354 16.44 1.03 -0.55
N LEU A 355 16.64 0.49 0.65
CA LEU A 355 15.68 0.71 1.72
C LEU A 355 16.15 1.84 2.59
N GLY A 356 17.39 2.27 2.38
CA GLY A 356 17.98 3.32 3.17
C GLY A 356 18.35 2.86 4.56
N LEU A 357 19.06 1.74 4.67
CA LEU A 357 19.39 1.21 5.98
C LEU A 357 20.65 1.86 6.54
N HIS A 358 20.68 2.07 7.85
CA HIS A 358 21.83 2.71 8.48
C HIS A 358 22.67 1.66 9.18
N LYS A 359 23.16 0.71 8.39
CA LYS A 359 23.92 -0.40 8.92
C LYS A 359 25.20 -0.50 8.11
N ASP A 360 25.97 -1.56 8.30
CA ASP A 360 27.28 -1.71 7.66
C ASP A 360 27.26 -2.68 6.46
N PHE A 361 26.08 -2.90 5.87
CA PHE A 361 25.94 -3.89 4.79
C PHE A 361 26.65 -3.48 3.51
N ASP A 362 26.87 -2.17 3.36
CA ASP A 362 27.53 -1.64 2.16
C ASP A 362 29.00 -2.08 2.07
N GLN A 363 29.47 -2.85 3.05
CA GLN A 363 30.78 -3.48 2.97
C GLN A 363 30.80 -4.61 1.97
N TRP A 364 29.62 -4.98 1.49
CA TRP A 364 29.49 -6.03 0.48
C TRP A 364 28.95 -5.44 -0.81
N ASP A 365 29.00 -4.10 -0.91
CA ASP A 365 28.63 -3.39 -2.14
C ASP A 365 29.33 -3.94 -3.39
N CYS A 366 30.52 -4.49 -3.22
CA CYS A 366 31.26 -5.06 -4.33
C CYS A 366 30.52 -6.27 -4.91
N LEU A 367 29.79 -6.98 -4.06
CA LEU A 367 29.11 -8.19 -4.48
C LEU A 367 27.89 -7.93 -5.38
N ILE A 368 27.24 -6.76 -5.21
CA ILE A 368 26.23 -6.35 -6.17
C ILE A 368 26.83 -6.28 -7.59
N GLU A 369 28.11 -5.96 -7.68
CA GLU A 369 28.78 -5.81 -8.96
C GLU A 369 29.38 -7.12 -9.47
N GLY A 370 29.25 -8.19 -8.69
CA GLY A 370 29.84 -9.47 -9.05
C GLY A 370 31.36 -9.49 -8.87
N ASP A 371 31.88 -8.61 -8.02
CA ASP A 371 33.32 -8.54 -7.80
C ASP A 371 33.78 -9.55 -6.74
N ASP A 372 33.70 -10.82 -7.09
CA ASP A 372 34.19 -11.88 -6.22
C ASP A 372 34.69 -13.04 -7.09
N GLU A 373 35.57 -13.88 -6.54
CA GLU A 373 36.11 -15.00 -7.28
C GLU A 373 34.99 -15.94 -7.67
N ASN A 374 33.93 -15.95 -6.87
CA ASN A 374 32.79 -16.84 -7.04
C ASN A 374 31.54 -16.16 -7.61
N LEU A 375 31.72 -14.99 -8.21
CA LEU A 375 30.60 -14.29 -8.86
C LEU A 375 30.90 -13.89 -10.29
N ILE A 376 29.90 -14.06 -11.14
CA ILE A 376 30.00 -13.55 -12.49
C ILE A 376 29.14 -12.30 -12.51
N PRO A 377 29.77 -11.15 -12.82
CA PRO A 377 28.99 -9.95 -13.11
C PRO A 377 28.06 -10.27 -14.26
N GLY A 378 26.79 -9.89 -14.15
CA GLY A 378 25.84 -10.10 -15.22
C GLY A 378 25.44 -11.56 -15.32
N THR A 379 25.57 -12.10 -16.52
CA THR A 379 25.27 -13.48 -16.76
C THR A 379 26.29 -14.09 -17.72
N ASN A 380 26.49 -15.40 -17.61
CA ASN A 380 27.29 -16.10 -18.61
C ASN A 380 26.48 -16.17 -19.89
N ILE A 381 25.16 -16.23 -19.74
CA ILE A 381 24.26 -16.31 -20.88
C ILE A 381 24.28 -15.00 -21.67
N LYS B 14 -17.63 32.51 -10.46
CA LYS B 14 -17.47 32.81 -9.04
C LYS B 14 -16.42 31.91 -8.39
N ILE B 15 -16.50 30.61 -8.66
CA ILE B 15 -15.45 29.71 -8.25
C ILE B 15 -14.26 29.90 -9.18
N PRO B 16 -13.09 30.25 -8.61
CA PRO B 16 -11.92 30.66 -9.39
C PRO B 16 -11.41 29.55 -10.29
N ARG B 17 -11.04 29.91 -11.51
CA ARG B 17 -10.47 28.97 -12.45
C ARG B 17 -9.10 28.50 -11.94
N GLY B 18 -8.60 27.40 -12.50
CA GLY B 18 -7.28 26.91 -12.15
C GLY B 18 -6.21 27.93 -12.46
N ASN B 19 -5.11 27.92 -11.70
CA ASN B 19 -4.03 28.87 -11.96
C ASN B 19 -2.85 28.24 -12.68
N GLY B 20 -2.89 26.92 -12.86
CA GLY B 20 -1.84 26.25 -13.60
C GLY B 20 -2.06 26.28 -15.11
N PRO B 21 -1.11 25.72 -15.88
CA PRO B 21 -1.08 25.78 -17.34
C PRO B 21 -1.91 24.69 -18.04
N TYR B 22 -2.36 23.67 -17.32
CA TYR B 22 -3.18 22.61 -17.90
C TYR B 22 -4.66 23.01 -17.91
N SER B 23 -5.37 22.61 -18.96
CA SER B 23 -6.83 22.72 -18.95
C SER B 23 -7.39 21.58 -18.12
N VAL B 24 -8.56 21.79 -17.51
CA VAL B 24 -9.12 20.82 -16.59
C VAL B 24 -10.42 20.20 -17.05
N GLY B 25 -10.48 18.88 -16.97
CA GLY B 25 -11.68 18.13 -17.26
C GLY B 25 -12.32 17.69 -15.96
N CYS B 26 -13.58 17.30 -16.04
CA CYS B 26 -14.27 16.78 -14.89
C CYS B 26 -15.33 15.74 -15.26
N THR B 27 -15.34 14.64 -14.54
CA THR B 27 -16.42 13.66 -14.63
C THR B 27 -16.62 12.99 -13.28
N ASP B 28 -17.67 12.16 -13.20
CA ASP B 28 -18.02 11.38 -12.03
C ASP B 28 -17.92 9.90 -12.36
N LEU B 29 -17.59 9.11 -11.35
CA LEU B 29 -17.44 7.68 -11.46
C LEU B 29 -18.06 6.99 -10.24
N MET B 30 -19.03 6.10 -10.48
CA MET B 30 -19.57 5.24 -9.43
C MET B 30 -19.37 3.78 -9.79
N PHE B 31 -18.50 3.09 -9.05
CA PHE B 31 -18.29 1.66 -9.21
C PHE B 31 -17.88 0.97 -7.89
N ASP B 32 -18.63 -0.04 -7.46
CA ASP B 32 -19.85 -0.50 -8.14
C ASP B 32 -21.05 0.37 -7.77
N HIS B 33 -22.26 -0.14 -7.98
CA HIS B 33 -23.47 0.67 -7.84
C HIS B 33 -24.04 0.72 -6.41
N THR B 34 -23.48 -0.07 -5.48
CA THR B 34 -24.00 -0.14 -4.12
C THR B 34 -23.45 0.99 -3.23
N ASN B 35 -24.01 1.12 -2.03
CA ASN B 35 -23.43 2.09 -1.11
C ASN B 35 -22.12 1.56 -0.50
N LYS B 36 -21.66 0.41 -0.98
CA LYS B 36 -20.34 -0.09 -0.58
C LYS B 36 -19.33 0.12 -1.71
N GLY B 37 -19.84 0.54 -2.87
CA GLY B 37 -19.00 0.85 -4.01
C GLY B 37 -18.28 2.17 -3.79
N THR B 38 -17.51 2.58 -4.78
CA THR B 38 -16.77 3.83 -4.71
C THR B 38 -17.52 4.89 -5.52
N PHE B 39 -17.62 6.09 -4.97
CA PHE B 39 -18.29 7.22 -5.63
C PHE B 39 -17.35 8.41 -5.54
N LEU B 40 -16.86 8.86 -6.69
CA LEU B 40 -15.98 10.00 -6.70
C LEU B 40 -16.21 10.94 -7.88
N ARG B 41 -15.82 12.19 -7.70
CA ARG B 41 -15.68 13.12 -8.81
C ARG B 41 -14.20 13.29 -9.13
N LEU B 42 -13.90 13.24 -10.43
CA LEU B 42 -12.55 13.27 -10.93
C LEU B 42 -12.22 14.62 -11.58
N TYR B 43 -11.16 15.28 -11.12
CA TYR B 43 -10.66 16.46 -11.81
C TYR B 43 -9.32 16.08 -12.42
N TYR B 44 -9.11 16.45 -13.67
CA TYR B 44 -7.98 15.91 -14.40
C TYR B 44 -7.54 16.86 -15.53
N PRO B 45 -6.27 16.76 -15.94
CA PRO B 45 -5.89 17.62 -17.07
C PRO B 45 -6.57 17.15 -18.35
N SER B 46 -7.26 18.08 -19.01
CA SER B 46 -8.13 17.79 -20.15
C SER B 46 -7.48 18.16 -21.46
N GLN B 47 -8.04 17.62 -22.55
CA GLN B 47 -7.52 17.89 -23.89
C GLN B 47 -8.15 19.14 -24.50
N LEU B 52 -16.29 25.11 -19.98
CA LEU B 52 -16.31 24.98 -18.52
C LEU B 52 -17.73 24.82 -18.03
N ASP B 53 -18.33 23.68 -18.34
CA ASP B 53 -19.78 23.48 -18.28
C ASP B 53 -20.24 22.50 -17.19
N THR B 54 -19.48 22.41 -16.09
CA THR B 54 -19.77 21.40 -15.07
C THR B 54 -20.71 21.92 -14.01
N LEU B 55 -21.78 21.17 -13.76
CA LEU B 55 -22.79 21.59 -12.81
C LEU B 55 -22.24 21.44 -11.39
N TRP B 56 -22.32 22.52 -10.60
CA TRP B 56 -21.67 22.56 -9.30
C TRP B 56 -22.32 21.61 -8.29
N ILE B 57 -23.65 21.73 -8.15
CA ILE B 57 -24.41 20.83 -7.29
C ILE B 57 -25.55 20.26 -8.13
N PRO B 58 -25.36 19.04 -8.64
CA PRO B 58 -26.16 18.43 -9.72
C PRO B 58 -27.52 17.84 -9.33
N ASN B 59 -27.90 17.86 -8.06
CA ASN B 59 -29.14 17.18 -7.69
C ASN B 59 -29.84 17.93 -6.59
N LYS B 60 -31.17 17.93 -6.62
CA LYS B 60 -31.97 18.65 -5.64
C LYS B 60 -31.71 18.17 -4.22
N GLU B 61 -31.45 16.86 -4.09
CA GLU B 61 -31.35 16.21 -2.77
C GLU B 61 -30.15 16.70 -1.94
N TYR B 62 -29.11 17.18 -2.60
CA TYR B 62 -27.99 17.76 -1.87
C TYR B 62 -28.45 19.05 -1.18
N PHE B 63 -29.32 19.80 -1.84
CA PHE B 63 -29.79 21.05 -1.24
C PHE B 63 -30.69 20.76 -0.06
N TRP B 64 -31.51 19.72 -0.18
CA TRP B 64 -32.33 19.29 0.95
C TRP B 64 -31.40 18.89 2.08
N GLY B 65 -30.38 18.11 1.73
CA GLY B 65 -29.39 17.62 2.68
C GLY B 65 -28.60 18.72 3.34
N LEU B 66 -28.19 19.72 2.56
CA LEU B 66 -27.49 20.87 3.13
C LEU B 66 -28.33 21.57 4.19
N SER B 67 -29.62 21.73 3.89
CA SER B 67 -30.55 22.40 4.79
C SER B 67 -30.70 21.65 6.10
N LYS B 68 -30.87 20.33 6.02
CA LYS B 68 -30.98 19.52 7.23
C LYS B 68 -29.69 19.62 8.05
N PHE B 69 -28.55 19.75 7.36
CA PHE B 69 -27.27 19.90 8.05
C PHE B 69 -27.23 21.21 8.83
N LEU B 70 -27.73 22.26 8.21
CA LEU B 70 -27.78 23.58 8.84
C LEU B 70 -28.86 23.73 9.89
N GLY B 71 -29.77 22.76 9.96
CA GLY B 71 -30.87 22.85 10.92
C GLY B 71 -31.93 23.85 10.49
N THR B 72 -31.82 24.33 9.25
CA THR B 72 -32.74 25.32 8.71
C THR B 72 -34.08 24.69 8.35
N TRP B 74 -36.55 23.52 6.78
CA TRP B 74 -37.06 22.39 6.01
C TRP B 74 -37.22 22.75 4.53
N LEU B 75 -38.00 23.79 4.27
CA LEU B 75 -38.18 24.31 2.91
C LEU B 75 -37.09 25.33 2.58
N MET B 76 -36.08 25.43 3.44
CA MET B 76 -34.88 26.19 3.10
C MET B 76 -34.14 25.52 1.92
N GLY B 77 -34.34 24.22 1.76
CA GLY B 77 -33.69 23.50 0.68
C GLY B 77 -34.10 24.00 -0.69
N ASN B 78 -35.39 24.24 -0.85
CA ASN B 78 -35.93 24.75 -2.11
C ASN B 78 -35.29 26.08 -2.48
N ILE B 79 -34.98 26.87 -1.45
CA ILE B 79 -34.39 28.20 -1.60
C ILE B 79 -32.92 28.10 -2.00
N LEU B 80 -32.18 27.29 -1.26
CA LEU B 80 -30.81 26.94 -1.61
C LEU B 80 -30.72 26.48 -3.07
N ARG B 81 -31.60 25.57 -3.43
CA ARG B 81 -31.65 25.08 -4.80
C ARG B 81 -31.85 26.24 -5.79
N LEU B 82 -32.80 27.12 -5.48
CA LEU B 82 -33.11 28.24 -6.37
C LEU B 82 -31.93 29.16 -6.57
N LEU B 83 -31.29 29.54 -5.48
CA LEU B 83 -30.15 30.45 -5.54
C LEU B 83 -28.87 29.80 -6.11
N PHE B 84 -28.73 28.48 -5.96
CA PHE B 84 -27.44 27.84 -6.28
C PHE B 84 -27.53 26.70 -7.30
N GLY B 85 -28.74 26.28 -7.65
CA GLY B 85 -28.96 25.05 -8.39
C GLY B 85 -28.48 24.95 -9.82
N SER B 86 -28.04 26.07 -10.39
CA SER B 86 -27.61 26.06 -11.77
C SER B 86 -26.23 26.67 -11.90
N MET B 87 -25.64 26.92 -10.74
CA MET B 87 -24.29 27.44 -10.68
C MET B 87 -23.33 26.40 -11.30
N THR B 88 -22.27 26.88 -11.93
CA THR B 88 -21.31 26.00 -12.57
C THR B 88 -19.94 26.08 -11.88
N THR B 89 -19.02 25.21 -12.27
CA THR B 89 -17.66 25.26 -11.75
C THR B 89 -16.67 25.07 -12.90
N PRO B 90 -15.59 25.88 -12.93
CA PRO B 90 -14.80 26.06 -14.15
C PRO B 90 -14.01 24.83 -14.55
N ALA B 91 -14.71 23.76 -14.94
CA ALA B 91 -14.07 22.57 -15.46
C ALA B 91 -14.87 21.98 -16.62
N ASN B 92 -14.15 21.47 -17.62
CA ASN B 92 -14.77 20.94 -18.83
C ASN B 92 -15.37 19.54 -18.63
N TRP B 93 -16.70 19.45 -18.63
CA TRP B 93 -17.44 18.22 -18.30
C TRP B 93 -17.28 17.11 -19.35
N ASN B 94 -16.74 15.98 -18.90
CA ASN B 94 -16.49 14.81 -19.73
C ASN B 94 -15.44 15.03 -20.81
N SER B 95 -14.71 16.14 -20.74
CA SER B 95 -13.67 16.40 -21.73
C SER B 95 -12.56 15.34 -21.59
N PRO B 96 -11.94 14.95 -22.72
CA PRO B 96 -10.93 13.87 -22.75
C PRO B 96 -9.70 14.12 -21.88
N LEU B 97 -9.21 13.04 -21.30
CA LEU B 97 -7.94 13.10 -20.57
C LEU B 97 -6.79 13.51 -21.50
N ARG B 98 -5.91 14.40 -21.04
CA ARG B 98 -4.72 14.75 -21.80
CA ARG B 98 -4.72 14.75 -21.80
C ARG B 98 -3.72 13.59 -21.81
N PRO B 99 -3.43 13.02 -22.99
CA PRO B 99 -2.55 11.85 -23.07
C PRO B 99 -1.07 12.21 -23.00
N GLY B 100 -0.23 11.18 -23.01
CA GLY B 100 1.21 11.38 -23.18
C GLY B 100 2.09 11.37 -21.95
N GLU B 101 1.51 11.52 -20.76
CA GLU B 101 2.31 11.56 -19.55
C GLU B 101 1.57 10.95 -18.36
N LYS B 102 2.32 10.57 -17.33
CA LYS B 102 1.75 9.99 -16.13
C LYS B 102 1.55 11.09 -15.07
N TYR B 103 0.39 11.08 -14.40
CA TYR B 103 0.04 12.15 -13.46
C TYR B 103 0.03 11.70 -12.01
N PRO B 104 0.60 12.52 -11.11
CA PRO B 104 0.45 12.26 -9.67
C PRO B 104 -1.01 12.23 -9.25
N LEU B 105 -1.33 11.48 -8.20
CA LEU B 105 -2.72 11.31 -7.79
C LEU B 105 -3.00 11.81 -6.37
N VAL B 106 -4.06 12.61 -6.24
CA VAL B 106 -4.57 13.07 -4.94
C VAL B 106 -5.96 12.53 -4.69
N VAL B 107 -6.13 11.90 -3.53
CA VAL B 107 -7.45 11.51 -3.11
C VAL B 107 -7.91 12.57 -2.09
N PHE B 108 -9.14 13.06 -2.25
CA PHE B 108 -9.62 14.20 -1.46
C PHE B 108 -10.86 13.82 -0.69
N SER B 109 -10.81 14.05 0.62
CA SER B 109 -11.91 13.70 1.48
C SER B 109 -12.62 14.96 1.99
N HIS B 110 -13.93 15.01 1.77
CA HIS B 110 -14.74 16.20 2.05
C HIS B 110 -15.13 16.31 3.52
N GLY B 111 -15.53 17.50 3.95
CA GLY B 111 -15.95 17.70 5.33
C GLY B 111 -17.33 17.16 5.67
N LEU B 112 -17.66 17.19 6.96
CA LEU B 112 -19.00 16.85 7.45
C LEU B 112 -19.99 17.84 6.89
N GLY B 113 -21.17 17.36 6.52
CA GLY B 113 -22.19 18.17 5.89
C GLY B 113 -21.88 18.47 4.45
N ALA B 114 -20.68 18.12 3.97
CA ALA B 114 -20.35 18.38 2.57
C ALA B 114 -20.60 17.15 1.68
N PHE B 115 -20.05 17.18 0.48
CA PHE B 115 -20.02 16.03 -0.42
C PHE B 115 -18.98 16.26 -1.52
N ARG B 116 -18.95 15.40 -2.52
CA ARG B 116 -17.82 15.36 -3.45
C ARG B 116 -17.63 16.63 -4.29
N THR B 117 -18.67 17.44 -4.48
CA THR B 117 -18.54 18.52 -5.46
C THR B 117 -18.15 19.86 -4.82
N LEU B 118 -18.07 19.91 -3.49
CA LEU B 118 -17.91 21.20 -2.82
C LEU B 118 -16.48 21.72 -2.69
N TYR B 119 -15.50 21.01 -3.24
CA TYR B 119 -14.11 21.48 -3.15
C TYR B 119 -13.45 21.55 -4.53
N SER B 120 -14.19 22.04 -5.51
CA SER B 120 -13.70 22.12 -6.89
C SER B 120 -12.58 23.15 -6.98
N ALA B 121 -12.67 24.19 -6.16
CA ALA B 121 -11.68 25.25 -6.18
C ALA B 121 -10.30 24.67 -5.93
N ILE B 122 -10.24 23.70 -5.03
CA ILE B 122 -8.99 23.04 -4.75
C ILE B 122 -8.68 22.02 -5.84
N GLY B 123 -9.66 21.17 -6.16
CA GLY B 123 -9.45 20.09 -7.11
C GLY B 123 -9.10 20.57 -8.50
N ILE B 124 -9.80 21.61 -8.95
CA ILE B 124 -9.52 22.21 -10.25
C ILE B 124 -8.14 22.84 -10.25
N ASP B 125 -7.74 23.43 -9.14
CA ASP B 125 -6.42 24.03 -9.12
C ASP B 125 -5.31 22.97 -9.14
N LEU B 126 -5.51 21.87 -8.42
CA LEU B 126 -4.56 20.79 -8.44
C LEU B 126 -4.51 20.15 -9.84
N ALA B 127 -5.67 20.04 -10.49
CA ALA B 127 -5.70 19.42 -11.81
C ALA B 127 -5.00 20.33 -12.80
N SER B 128 -5.18 21.63 -12.66
CA SER B 128 -4.58 22.57 -13.61
C SER B 128 -3.06 22.62 -13.45
N HIS B 129 -2.55 21.98 -12.41
CA HIS B 129 -1.12 21.93 -12.19
C HIS B 129 -0.49 20.55 -12.50
N GLY B 130 -1.29 19.66 -13.09
CA GLY B 130 -0.76 18.37 -13.50
C GLY B 130 -1.17 17.19 -12.62
N PHE B 131 -2.17 17.40 -11.76
CA PHE B 131 -2.65 16.33 -10.90
C PHE B 131 -3.91 15.72 -11.46
N ILE B 132 -4.10 14.45 -11.20
CA ILE B 132 -5.43 13.86 -11.20
C ILE B 132 -5.85 13.85 -9.75
N VAL B 133 -7.03 14.38 -9.46
CA VAL B 133 -7.53 14.42 -8.11
C VAL B 133 -8.89 13.71 -8.03
N ALA B 134 -8.99 12.74 -7.14
CA ALA B 134 -10.21 11.94 -6.95
C ALA B 134 -10.97 12.38 -5.69
N ALA B 135 -12.07 13.11 -5.86
CA ALA B 135 -12.81 13.61 -4.71
C ALA B 135 -13.96 12.66 -4.33
N VAL B 136 -13.72 11.89 -3.28
CA VAL B 136 -14.66 10.86 -2.87
C VAL B 136 -15.90 11.51 -2.28
N GLU B 137 -17.04 10.82 -2.43
CA GLU B 137 -18.22 11.12 -1.68
C GLU B 137 -18.34 10.01 -0.65
N HIS B 138 -18.34 10.35 0.63
CA HIS B 138 -18.39 9.31 1.64
C HIS B 138 -19.79 8.79 1.86
N ARG B 139 -19.88 7.54 2.30
CA ARG B 139 -21.16 6.89 2.57
C ARG B 139 -21.28 6.55 4.06
N ASP B 140 -20.48 7.22 4.89
CA ASP B 140 -20.48 7.00 6.34
C ASP B 140 -21.57 7.78 7.06
N ARG B 141 -22.47 8.38 6.26
CA ARG B 141 -23.54 9.23 6.77
C ARG B 141 -22.97 10.50 7.42
N SER B 142 -21.84 10.97 6.89
CA SER B 142 -21.29 12.27 7.24
C SER B 142 -21.57 13.31 6.14
N ALA B 143 -21.86 12.83 4.92
CA ALA B 143 -22.24 13.74 3.84
C ALA B 143 -23.67 14.24 4.03
N SER B 144 -23.92 15.51 3.70
CA SER B 144 -25.28 16.05 3.76
C SER B 144 -26.24 15.12 3.04
N ALA B 145 -25.76 14.57 1.93
CA ALA B 145 -26.53 13.62 1.16
C ALA B 145 -25.60 12.86 0.23
N THR B 146 -26.00 11.65 -0.13
CA THR B 146 -25.31 10.90 -1.16
C THR B 146 -26.29 9.89 -1.73
N TYR B 147 -25.92 9.20 -2.79
CA TYR B 147 -26.85 8.18 -3.29
C TYR B 147 -26.15 6.97 -3.81
N TYR B 148 -26.89 5.87 -3.87
CA TYR B 148 -26.45 4.63 -4.46
C TYR B 148 -27.62 4.02 -5.23
N PHE B 149 -27.41 2.85 -5.85
CA PHE B 149 -28.52 2.13 -6.44
C PHE B 149 -28.71 0.76 -5.77
N LYS B 150 -29.95 0.30 -5.68
CA LYS B 150 -30.23 -0.92 -4.94
C LYS B 150 -29.91 -2.20 -5.73
N ASP B 151 -29.89 -2.08 -7.06
CA ASP B 151 -29.52 -3.17 -7.95
C ASP B 151 -29.17 -2.57 -9.31
N GLN B 152 -28.61 -3.38 -10.20
CA GLN B 152 -28.30 -2.93 -11.56
C GLN B 152 -29.50 -2.29 -12.25
N SER B 153 -30.66 -2.92 -12.10
CA SER B 153 -31.91 -2.46 -12.70
C SER B 153 -32.23 -1.01 -12.32
N ALA B 154 -32.09 -0.68 -11.03
CA ALA B 154 -32.34 0.68 -10.56
C ALA B 154 -31.34 1.67 -11.14
N ALA B 155 -30.13 1.18 -11.40
CA ALA B 155 -29.08 2.04 -11.91
C ALA B 155 -29.29 2.35 -13.39
N GLU B 156 -29.81 1.36 -14.10
CA GLU B 156 -30.08 1.52 -15.53
C GLU B 156 -31.11 2.61 -15.80
N ILE B 157 -32.11 2.76 -14.94
CA ILE B 157 -33.11 3.82 -15.11
C ILE B 157 -32.90 4.99 -14.13
N GLY B 158 -31.72 5.05 -13.52
CA GLY B 158 -31.33 6.15 -12.66
C GLY B 158 -32.23 6.38 -11.48
N ASP B 159 -32.75 5.30 -10.92
CA ASP B 159 -33.54 5.37 -9.72
C ASP B 159 -32.64 5.35 -8.50
N LYS B 160 -32.18 6.54 -8.10
CA LYS B 160 -31.28 6.71 -6.95
C LYS B 160 -31.93 6.41 -5.61
N SER B 161 -31.13 5.87 -4.70
CA SER B 161 -31.51 5.79 -3.27
C SER B 161 -30.63 6.74 -2.50
N TRP B 162 -31.25 7.66 -1.78
CA TRP B 162 -30.52 8.73 -1.13
C TRP B 162 -30.30 8.40 0.33
N LEU B 163 -29.13 8.79 0.85
CA LEU B 163 -28.77 8.66 2.27
C LEU B 163 -28.42 10.02 2.84
N TYR B 164 -29.17 10.49 3.83
CA TYR B 164 -28.93 11.81 4.41
C TYR B 164 -28.06 11.75 5.65
N LEU B 165 -27.48 12.90 5.99
CA LEU B 165 -26.65 13.01 7.17
C LEU B 165 -27.38 12.46 8.39
N ARG B 166 -26.71 11.60 9.16
CA ARG B 166 -27.25 11.20 10.47
C ARG B 166 -26.86 12.25 11.49
N THR B 167 -27.82 12.66 12.31
CA THR B 167 -27.55 13.56 13.41
C THR B 167 -27.33 12.72 14.67
N LEU B 168 -26.26 12.99 15.42
CA LEU B 168 -25.91 12.16 16.57
C LEU B 168 -26.40 12.66 17.92
N LYS B 169 -26.80 11.75 18.79
CA LYS B 169 -26.92 12.06 20.21
C LYS B 169 -25.52 12.30 20.77
N GLN B 170 -25.41 13.22 21.73
CA GLN B 170 -24.11 13.61 22.29
C GLN B 170 -23.33 12.42 22.85
N GLU B 171 -24.03 11.50 23.51
CA GLU B 171 -23.36 10.35 24.13
C GLU B 171 -22.87 9.34 23.08
N GLU B 172 -23.32 9.52 21.83
CA GLU B 172 -22.93 8.67 20.71
C GLU B 172 -21.71 9.18 19.96
N GLU B 173 -21.35 10.44 20.17
CA GLU B 173 -20.42 11.14 19.27
C GLU B 173 -19.04 10.50 19.16
N THR B 174 -18.37 10.33 20.29
CA THR B 174 -17.00 9.81 20.29
C THR B 174 -16.88 8.47 19.56
N HIS B 175 -17.76 7.53 19.88
CA HIS B 175 -17.68 6.23 19.28
C HIS B 175 -18.11 6.23 17.81
N ILE B 176 -19.18 6.93 17.49
CA ILE B 176 -19.70 6.88 16.15
C ILE B 176 -18.77 7.64 15.20
N ARG B 177 -18.25 8.80 15.65
CA ARG B 177 -17.33 9.58 14.83
C ARG B 177 -16.09 8.75 14.50
N ASN B 178 -15.56 8.01 15.48
CA ASN B 178 -14.37 7.20 15.18
C ASN B 178 -14.66 6.12 14.15
N GLU B 179 -15.78 5.43 14.28
CA GLU B 179 -16.16 4.43 13.27
C GLU B 179 -16.34 5.10 11.90
N GLN B 180 -16.91 6.30 11.89
CA GLN B 180 -17.08 7.05 10.63
C GLN B 180 -15.73 7.36 9.99
N VAL B 181 -14.74 7.75 10.79
CA VAL B 181 -13.43 8.07 10.20
C VAL B 181 -12.72 6.78 9.75
N ARG B 182 -13.05 5.65 10.33
CA ARG B 182 -12.50 4.38 9.83
C ARG B 182 -13.15 4.04 8.47
N GLN B 183 -14.46 4.25 8.33
CA GLN B 183 -15.12 4.05 7.05
C GLN B 183 -14.58 5.03 6.00
N ARG B 184 -14.40 6.30 6.39
CA ARG B 184 -13.83 7.29 5.46
C ARG B 184 -12.44 6.87 4.99
N ALA B 185 -11.61 6.42 5.93
CA ALA B 185 -10.28 5.89 5.60
C ALA B 185 -10.39 4.74 4.60
N LYS B 186 -11.25 3.77 4.90
CA LYS B 186 -11.46 2.62 4.04
C LYS B 186 -11.95 3.07 2.67
N GLU B 187 -12.84 4.05 2.65
CA GLU B 187 -13.35 4.54 1.38
C GLU B 187 -12.23 5.20 0.56
N CYS B 188 -11.36 5.99 1.20
CA CYS B 188 -10.25 6.61 0.46
C CYS B 188 -9.30 5.54 -0.12
N SER B 189 -9.10 4.45 0.62
CA SER B 189 -8.24 3.37 0.17
C SER B 189 -8.86 2.65 -1.01
N GLN B 190 -10.15 2.39 -0.92
CA GLN B 190 -10.87 1.75 -1.99
C GLN B 190 -10.87 2.62 -3.24
N ALA B 191 -10.97 3.93 -3.09
CA ALA B 191 -10.86 4.83 -4.25
C ALA B 191 -9.50 4.67 -4.92
N LEU B 192 -8.44 4.71 -4.13
CA LEU B 192 -7.09 4.46 -4.64
C LEU B 192 -6.99 3.12 -5.42
N SER B 193 -7.37 2.01 -4.77
CA SER B 193 -7.33 0.70 -5.40
C SER B 193 -8.07 0.66 -6.74
N LEU B 194 -9.26 1.24 -6.80
CA LEU B 194 -10.02 1.33 -8.04
C LEU B 194 -9.22 2.05 -9.13
N ILE B 195 -8.72 3.24 -8.80
CA ILE B 195 -7.96 4.04 -9.75
C ILE B 195 -6.67 3.32 -10.17
N LEU B 196 -6.02 2.63 -9.23
CA LEU B 196 -4.81 1.88 -9.61
C LEU B 196 -5.20 0.72 -10.53
N ASP B 197 -6.34 0.07 -10.26
CA ASP B 197 -6.78 -1.08 -11.05
C ASP B 197 -7.21 -0.69 -12.45
N ILE B 198 -7.93 0.43 -12.54
CA ILE B 198 -8.32 0.97 -13.84
C ILE B 198 -7.04 1.31 -14.62
N ASP B 199 -6.03 1.76 -13.88
CA ASP B 199 -4.73 2.17 -14.44
C ASP B 199 -3.99 0.99 -15.06
N HIS B 200 -4.18 -0.21 -14.51
CA HIS B 200 -3.58 -1.42 -15.09
C HIS B 200 -4.59 -2.20 -15.92
N GLY B 201 -5.64 -1.51 -16.36
CA GLY B 201 -6.57 -2.06 -17.33
C GLY B 201 -7.81 -2.78 -16.84
N LYS B 202 -8.09 -2.74 -15.54
CA LYS B 202 -9.36 -3.31 -15.05
C LYS B 202 -10.54 -2.57 -15.69
N PRO B 203 -11.51 -3.34 -16.22
CA PRO B 203 -12.71 -2.75 -16.82
C PRO B 203 -13.76 -2.39 -15.76
N VAL B 204 -14.40 -1.25 -15.92
CA VAL B 204 -15.47 -0.86 -15.00
C VAL B 204 -16.71 -0.44 -15.76
N LYS B 205 -17.87 -0.87 -15.26
CA LYS B 205 -19.13 -0.35 -15.73
C LYS B 205 -19.53 0.77 -14.78
N ASN B 206 -19.38 2.00 -15.24
CA ASN B 206 -19.80 3.16 -14.48
C ASN B 206 -21.31 3.19 -14.29
N ALA B 207 -21.77 3.11 -13.04
CA ALA B 207 -23.20 3.09 -12.76
C ALA B 207 -23.89 4.35 -13.29
N LEU B 208 -23.17 5.46 -13.29
CA LEU B 208 -23.58 6.63 -14.01
C LEU B 208 -23.21 6.39 -15.49
N ASP B 209 -24.09 6.75 -16.40
CA ASP B 209 -23.73 6.52 -17.80
C ASP B 209 -23.31 7.85 -18.40
N LEU B 210 -22.00 8.06 -18.49
CA LEU B 210 -21.48 9.34 -18.91
C LEU B 210 -20.54 9.21 -20.11
N LYS B 211 -20.48 10.26 -20.91
CA LYS B 211 -19.69 10.24 -22.13
C LYS B 211 -18.22 10.45 -21.83
N PHE B 212 -17.73 9.75 -20.82
CA PHE B 212 -16.31 9.69 -20.51
C PHE B 212 -15.93 8.24 -20.31
N ASP B 213 -14.92 7.79 -21.04
CA ASP B 213 -14.53 6.39 -20.98
C ASP B 213 -13.35 6.18 -20.05
N MET B 214 -13.59 5.44 -18.98
CA MET B 214 -12.60 5.23 -17.94
C MET B 214 -11.32 4.55 -18.43
N GLU B 215 -11.42 3.81 -19.52
CA GLU B 215 -10.24 3.18 -20.13
C GLU B 215 -9.21 4.23 -20.59
N GLN B 216 -9.63 5.49 -20.67
CA GLN B 216 -8.70 6.60 -20.85
C GLN B 216 -7.60 6.57 -19.80
N LEU B 217 -7.93 6.15 -18.59
CA LEU B 217 -7.00 6.29 -17.48
C LEU B 217 -5.96 5.17 -17.42
N LYS B 218 -5.91 4.33 -18.46
CA LYS B 218 -4.95 3.23 -18.52
C LYS B 218 -3.52 3.73 -18.68
N ASP B 219 -2.64 3.31 -17.77
CA ASP B 219 -1.28 3.85 -17.68
C ASP B 219 -1.29 5.38 -17.69
N SER B 220 -2.10 5.98 -16.82
CA SER B 220 -2.19 7.44 -16.71
C SER B 220 -1.76 7.92 -15.32
N ILE B 221 -1.55 6.97 -14.41
CA ILE B 221 -1.18 7.28 -13.03
C ILE B 221 0.30 7.02 -12.73
N ASP B 222 0.92 7.99 -12.04
CA ASP B 222 2.23 7.78 -11.43
C ASP B 222 2.01 7.10 -10.06
N ARG B 223 2.08 5.76 -10.06
CA ARG B 223 1.56 4.95 -8.95
C ARG B 223 2.38 5.08 -7.67
N GLU B 224 3.46 5.85 -7.74
CA GLU B 224 4.31 6.13 -6.59
C GLU B 224 4.01 7.51 -5.99
N LYS B 225 3.40 8.38 -6.78
CA LYS B 225 3.15 9.73 -6.32
C LYS B 225 1.68 9.92 -5.95
N ILE B 226 1.36 9.48 -4.73
CA ILE B 226 0.00 9.48 -4.25
C ILE B 226 -0.11 10.25 -2.93
N ALA B 227 -1.12 11.12 -2.83
CA ALA B 227 -1.36 11.85 -1.59
C ALA B 227 -2.85 11.96 -1.26
N VAL B 228 -3.14 12.22 0.00
CA VAL B 228 -4.51 12.35 0.41
C VAL B 228 -4.66 13.73 1.05
N ILE B 229 -5.71 14.43 0.66
CA ILE B 229 -5.96 15.79 1.13
C ILE B 229 -7.37 15.83 1.59
N GLY B 230 -7.65 16.57 2.66
CA GLY B 230 -9.01 16.69 3.14
C GLY B 230 -9.25 17.85 4.09
N HIS B 231 -10.48 18.34 4.10
CA HIS B 231 -10.87 19.47 4.94
C HIS B 231 -11.71 19.02 6.12
N SER B 232 -11.36 19.52 7.29
CA SER B 232 -12.18 19.32 8.49
C SER B 232 -12.30 17.81 8.79
N PHE B 233 -13.49 17.23 8.73
CA PHE B 233 -13.66 15.79 8.97
C PHE B 233 -12.74 15.03 7.98
N GLY B 234 -12.69 15.53 6.75
CA GLY B 234 -11.68 15.12 5.79
C GLY B 234 -10.23 15.30 6.22
N GLY B 235 -10.00 16.16 7.20
CA GLY B 235 -8.67 16.35 7.77
C GLY B 235 -8.30 15.18 8.66
N ALA B 236 -9.20 14.79 9.56
CA ALA B 236 -9.02 13.55 10.32
C ALA B 236 -8.84 12.37 9.37
N THR B 237 -9.62 12.35 8.30
CA THR B 237 -9.59 11.27 7.33
C THR B 237 -8.18 11.11 6.75
N VAL B 238 -7.52 12.25 6.46
CA VAL B 238 -6.13 12.23 6.01
C VAL B 238 -5.25 11.42 6.95
N ILE B 239 -5.34 11.74 8.23
CA ILE B 239 -4.51 11.09 9.23
C ILE B 239 -4.84 9.59 9.34
N GLN B 240 -6.12 9.27 9.40
CA GLN B 240 -6.53 7.87 9.52
C GLN B 240 -6.09 7.07 8.29
N THR B 241 -6.07 7.72 7.12
CA THR B 241 -5.81 7.03 5.87
C THR B 241 -4.31 6.78 5.74
N LEU B 242 -3.52 7.75 6.17
CA LEU B 242 -2.07 7.65 6.14
C LEU B 242 -1.63 6.50 7.03
N SER B 243 -2.23 6.42 8.22
CA SER B 243 -1.91 5.37 9.17
C SER B 243 -2.36 3.96 8.74
N GLU B 244 -3.35 3.87 7.87
CA GLU B 244 -3.88 2.57 7.49
C GLU B 244 -3.32 2.04 6.18
N ASP B 245 -2.86 2.96 5.33
CA ASP B 245 -2.61 2.67 3.92
C ASP B 245 -1.29 3.30 3.52
N GLN B 246 -0.26 2.46 3.53
CA GLN B 246 1.11 2.88 3.30
C GLN B 246 1.39 3.30 1.83
N ARG B 247 0.51 2.94 0.89
CA ARG B 247 0.61 3.45 -0.48
C ARG B 247 0.60 4.99 -0.54
N PHE B 248 -0.12 5.64 0.37
CA PHE B 248 -0.15 7.12 0.38
C PHE B 248 1.15 7.68 0.92
N ARG B 249 1.75 8.62 0.20
CA ARG B 249 3.10 8.98 0.57
C ARG B 249 3.14 10.26 1.42
N CYS B 250 2.14 11.12 1.29
CA CYS B 250 2.01 12.23 2.21
C CYS B 250 0.55 12.65 2.32
N GLY B 251 0.24 13.37 3.38
CA GLY B 251 -1.09 13.87 3.58
C GLY B 251 -1.02 15.36 3.84
N ILE B 252 -2.10 16.03 3.49
CA ILE B 252 -2.27 17.44 3.77
C ILE B 252 -3.65 17.60 4.36
N ALA B 253 -3.69 18.02 5.62
CA ALA B 253 -4.93 18.21 6.35
C ALA B 253 -5.30 19.68 6.37
N LEU B 254 -6.34 20.03 5.62
CA LEU B 254 -6.82 21.40 5.63
C LEU B 254 -7.73 21.56 6.83
N ASP B 255 -7.30 22.36 7.81
CA ASP B 255 -8.17 22.70 8.95
C ASP B 255 -8.85 21.48 9.62
N ALA B 256 -8.03 20.51 10.03
CA ALA B 256 -8.49 19.24 10.52
C ALA B 256 -9.34 19.36 11.77
N TRP B 257 -10.33 18.50 11.85
CA TRP B 257 -11.15 18.38 13.04
C TRP B 257 -10.74 17.06 13.69
N MET B 258 -9.94 17.14 14.75
CA MET B 258 -9.21 15.96 15.24
C MET B 258 -10.06 15.01 16.11
N PHE B 259 -11.20 15.50 16.58
CA PHE B 259 -12.08 14.73 17.46
C PHE B 259 -12.40 13.28 17.04
N PRO B 260 -12.58 13.00 15.72
CA PRO B 260 -12.90 11.59 15.39
C PRO B 260 -11.76 10.60 15.65
N LEU B 261 -10.54 11.06 15.85
CA LEU B 261 -9.40 10.15 15.86
C LEU B 261 -9.17 9.50 17.22
N GLY B 262 -8.82 8.22 17.19
CA GLY B 262 -8.45 7.49 18.40
C GLY B 262 -7.10 7.94 18.94
N ASP B 263 -6.86 7.71 20.23
CA ASP B 263 -5.60 8.08 20.86
C ASP B 263 -4.40 7.37 20.22
N GLU B 264 -4.63 6.19 19.66
CA GLU B 264 -3.54 5.38 19.11
C GLU B 264 -2.95 5.87 17.76
N VAL B 265 -3.66 6.72 17.00
CA VAL B 265 -3.16 7.02 15.65
C VAL B 265 -2.05 8.05 15.59
N TYR B 266 -2.04 8.98 16.56
CA TYR B 266 -1.13 10.12 16.42
C TYR B 266 0.32 9.65 16.39
N SER B 267 0.61 8.54 17.07
CA SER B 267 1.95 7.96 17.05
C SER B 267 2.21 7.03 15.86
N ARG B 268 1.23 6.86 14.98
CA ARG B 268 1.36 5.87 13.91
C ARG B 268 1.12 6.48 12.54
N ILE B 269 1.81 7.60 12.26
CA ILE B 269 1.78 8.22 10.94
C ILE B 269 3.21 8.42 10.44
N PRO B 270 3.70 7.46 9.66
CA PRO B 270 5.04 7.55 9.05
C PRO B 270 5.21 8.68 8.02
N GLN B 271 4.20 8.94 7.21
CA GLN B 271 4.33 9.87 6.08
C GLN B 271 4.39 11.35 6.48
N PRO B 272 5.03 12.17 5.63
CA PRO B 272 4.97 13.63 5.79
C PRO B 272 3.51 14.15 5.91
N LEU B 273 3.26 14.96 6.93
CA LEU B 273 1.90 15.41 7.24
C LEU B 273 1.87 16.91 7.43
N PHE B 274 1.02 17.59 6.66
CA PHE B 274 0.98 19.05 6.58
C PHE B 274 -0.36 19.54 7.11
N PHE B 275 -0.30 20.32 8.19
CA PHE B 275 -1.50 20.95 8.73
C PHE B 275 -1.65 22.36 8.16
N ILE B 276 -2.70 22.59 7.38
CA ILE B 276 -2.97 23.96 6.96
C ILE B 276 -4.27 24.41 7.61
N ASN B 277 -4.14 25.31 8.59
CA ASN B 277 -5.28 25.81 9.39
C ASN B 277 -5.90 27.15 8.98
N SER B 278 -7.20 27.30 9.27
CA SER B 278 -7.79 28.63 9.30
C SER B 278 -7.51 29.29 10.65
N GLU B 279 -7.66 30.61 10.73
CA GLU B 279 -7.35 31.23 12.00
C GLU B 279 -8.45 31.04 12.99
N TYR B 280 -9.71 31.14 12.55
CA TYR B 280 -10.82 31.20 13.51
C TYR B 280 -11.49 29.86 13.86
N PHE B 281 -11.13 28.80 13.17
CA PHE B 281 -11.72 27.52 13.51
C PHE B 281 -11.06 26.93 14.74
N GLN B 282 -9.74 27.14 14.87
CA GLN B 282 -8.93 26.33 15.78
C GLN B 282 -9.12 26.64 17.28
N TYR B 283 -8.94 25.62 18.09
CA TYR B 283 -8.97 25.74 19.55
C TYR B 283 -7.89 24.83 20.15
N PRO B 284 -7.53 25.07 21.43
CA PRO B 284 -6.49 24.25 22.07
C PRO B 284 -6.68 22.73 21.97
N ALA B 285 -7.85 22.21 22.35
CA ALA B 285 -8.10 20.77 22.40
C ALA B 285 -7.89 20.08 21.05
N ASN B 286 -8.06 20.85 19.98
CA ASN B 286 -7.81 20.39 18.61
C ASN B 286 -6.32 20.45 18.31
N ILE B 287 -5.68 21.57 18.70
CA ILE B 287 -4.27 21.79 18.48
C ILE B 287 -3.39 20.76 19.19
N ILE B 288 -3.71 20.41 20.43
CA ILE B 288 -2.90 19.45 21.16
C ILE B 288 -2.91 18.11 20.40
N LYS B 289 -4.06 17.77 19.79
CA LYS B 289 -4.17 16.52 19.07
C LYS B 289 -3.38 16.56 17.78
N MET B 290 -3.25 17.74 17.18
CA MET B 290 -2.32 17.87 16.06
C MET B 290 -0.88 17.69 16.56
N LYS B 291 -0.55 18.28 17.71
CA LYS B 291 0.80 18.23 18.25
C LYS B 291 1.20 16.80 18.62
N LYS B 292 0.26 16.01 19.12
CA LYS B 292 0.49 14.58 19.38
C LYS B 292 1.03 13.82 18.16
N CYS B 293 0.82 14.35 16.96
CA CYS B 293 1.29 13.68 15.74
C CYS B 293 2.77 13.94 15.48
N TYR B 294 3.32 14.90 16.23
CA TYR B 294 4.69 15.33 16.00
C TYR B 294 5.72 14.38 16.62
N SER B 295 6.88 14.32 15.99
CA SER B 295 7.97 13.46 16.43
C SER B 295 9.18 13.86 15.60
N PRO B 296 10.35 14.02 16.26
CA PRO B 296 11.55 14.58 15.63
C PRO B 296 12.01 13.76 14.44
N ASP B 297 11.71 12.46 14.46
CA ASP B 297 12.09 11.54 13.41
C ASP B 297 11.01 11.41 12.31
N LYS B 298 10.02 12.30 12.33
CA LYS B 298 8.98 12.34 11.30
C LYS B 298 8.76 13.77 10.82
N GLU B 299 8.28 13.91 9.59
CA GLU B 299 8.10 15.22 8.99
C GLU B 299 6.67 15.78 9.20
N ARG B 300 6.61 16.96 9.80
CA ARG B 300 5.36 17.67 10.10
C ARG B 300 5.48 19.18 9.88
N LYS B 301 4.57 19.75 9.12
CA LYS B 301 4.51 21.19 8.98
C LYS B 301 3.13 21.71 9.37
N MET B 302 3.12 22.95 9.85
CA MET B 302 1.89 23.63 10.23
C MET B 302 2.00 25.11 9.89
N ILE B 303 0.94 25.61 9.26
CA ILE B 303 0.77 27.05 9.03
C ILE B 303 -0.68 27.39 9.28
N THR B 304 -0.91 28.66 9.59
CA THR B 304 -2.23 29.20 9.86
C THR B 304 -2.43 30.43 8.96
N ILE B 305 -3.62 30.54 8.35
CA ILE B 305 -3.87 31.62 7.43
C ILE B 305 -4.60 32.73 8.18
N ARG B 306 -3.95 33.89 8.31
CA ARG B 306 -4.47 35.00 9.10
C ARG B 306 -5.85 35.46 8.63
N GLY B 307 -6.77 35.60 9.59
CA GLY B 307 -8.12 36.13 9.35
C GLY B 307 -9.13 35.17 8.71
N SER B 308 -8.72 33.94 8.43
CA SER B 308 -9.55 33.00 7.68
C SER B 308 -10.43 32.19 8.60
N VAL B 309 -11.57 31.74 8.06
CA VAL B 309 -12.54 30.94 8.79
C VAL B 309 -12.59 29.51 8.20
N HIS B 310 -13.35 28.64 8.84
CA HIS B 310 -13.45 27.22 8.47
C HIS B 310 -13.85 27.06 7.00
N GLN B 311 -14.82 27.85 6.55
CA GLN B 311 -15.40 27.71 5.23
C GLN B 311 -14.57 28.28 4.07
N ASN B 312 -13.45 28.95 4.37
CA ASN B 312 -12.53 29.40 3.32
C ASN B 312 -11.96 28.27 2.43
N PHE B 313 -11.90 27.05 2.95
CA PHE B 313 -11.32 25.97 2.16
C PHE B 313 -12.36 25.28 1.25
N ALA B 314 -13.64 25.63 1.39
CA ALA B 314 -14.71 25.01 0.58
C ALA B 314 -15.42 26.04 -0.28
N ASP B 315 -16.11 25.57 -1.31
CA ASP B 315 -16.54 26.43 -2.40
C ASP B 315 -17.62 27.46 -2.02
N PHE B 316 -18.33 27.25 -0.92
CA PHE B 316 -19.38 28.21 -0.57
C PHE B 316 -18.83 29.57 -0.15
N THR B 317 -17.51 29.66 0.00
CA THR B 317 -16.81 30.90 0.28
C THR B 317 -16.76 31.76 -0.99
N PHE B 318 -17.12 31.15 -2.13
CA PHE B 318 -17.12 31.84 -3.42
C PHE B 318 -18.53 32.02 -3.98
N ALA B 319 -19.54 31.53 -3.26
CA ALA B 319 -20.89 31.48 -3.81
C ALA B 319 -21.83 32.63 -3.43
N THR B 320 -21.38 33.55 -2.57
CA THR B 320 -22.18 34.73 -2.23
C THR B 320 -21.32 36.00 -2.29
N GLY B 321 -21.95 37.15 -2.01
CA GLY B 321 -21.25 38.42 -1.96
C GLY B 321 -20.51 38.59 -0.64
N LYS B 322 -19.63 39.59 -0.57
CA LYS B 322 -18.78 39.81 0.59
C LYS B 322 -19.54 39.94 1.89
N ILE B 323 -20.62 40.74 1.89
CA ILE B 323 -21.33 41.04 3.13
C ILE B 323 -22.21 39.86 3.54
N ILE B 324 -22.85 39.23 2.58
CA ILE B 324 -23.60 38.01 2.87
C ILE B 324 -22.61 36.93 3.35
N GLY B 325 -21.49 36.83 2.66
CA GLY B 325 -20.46 35.86 2.98
C GLY B 325 -20.00 35.98 4.42
N HIS B 326 -19.72 37.21 4.84
CA HIS B 326 -19.29 37.44 6.23
C HIS B 326 -20.39 37.11 7.21
N MET B 327 -21.62 37.49 6.89
CA MET B 327 -22.72 37.25 7.81
C MET B 327 -22.93 35.75 8.06
N LEU B 328 -22.78 34.95 7.01
CA LEU B 328 -23.01 33.52 7.12
C LEU B 328 -21.76 32.74 7.53
N LYS B 329 -20.66 33.43 7.80
CA LYS B 329 -19.37 32.82 8.13
C LYS B 329 -18.82 31.99 6.97
N LEU B 330 -19.26 32.30 5.76
CA LEU B 330 -18.66 31.74 4.58
C LEU B 330 -17.36 32.45 4.25
N LYS B 331 -17.17 33.63 4.82
CA LYS B 331 -15.98 34.44 4.52
C LYS B 331 -15.39 34.99 5.79
N GLY B 332 -14.07 35.14 5.79
CA GLY B 332 -13.38 35.79 6.90
C GLY B 332 -12.88 37.16 6.50
N ASP B 333 -11.84 37.64 7.16
CA ASP B 333 -11.29 38.96 6.87
C ASP B 333 -10.47 38.96 5.59
N ILE B 334 -9.60 37.98 5.49
CA ILE B 334 -8.81 37.79 4.29
C ILE B 334 -9.75 37.54 3.10
N ASP B 335 -9.35 37.92 1.90
CA ASP B 335 -10.20 37.73 0.71
C ASP B 335 -10.17 36.26 0.29
N SER B 336 -11.34 35.72 -0.04
CA SER B 336 -11.48 34.28 -0.30
C SER B 336 -10.56 33.74 -1.38
N ASN B 337 -10.25 34.54 -2.38
CA ASN B 337 -9.30 34.12 -3.41
C ASN B 337 -7.84 34.15 -2.91
N VAL B 338 -7.55 35.08 -2.02
CA VAL B 338 -6.21 35.20 -1.46
C VAL B 338 -5.93 34.03 -0.52
N ALA B 339 -6.96 33.60 0.20
CA ALA B 339 -6.86 32.46 1.09
C ALA B 339 -6.63 31.18 0.32
N ILE B 340 -7.50 30.90 -0.65
CA ILE B 340 -7.46 29.60 -1.31
C ILE B 340 -6.15 29.47 -2.08
N ASP B 341 -5.63 30.62 -2.50
CA ASP B 341 -4.38 30.68 -3.22
C ASP B 341 -3.21 30.32 -2.35
N LEU B 342 -3.14 30.89 -1.15
CA LEU B 342 -2.06 30.56 -0.21
C LEU B 342 -2.13 29.08 0.14
N SER B 343 -3.35 28.59 0.41
CA SER B 343 -3.48 27.19 0.76
C SER B 343 -3.01 26.30 -0.41
N ASN B 344 -3.45 26.60 -1.64
CA ASN B 344 -3.11 25.80 -2.81
C ASN B 344 -1.63 25.78 -3.10
N LYS B 345 -1.04 26.98 -3.11
CA LYS B 345 0.38 27.17 -3.30
C LYS B 345 1.23 26.42 -2.28
N ALA B 346 1.01 26.64 -1.00
CA ALA B 346 1.68 25.86 0.03
C ALA B 346 1.44 24.34 -0.13
N SER B 347 0.27 23.96 -0.65
CA SER B 347 0.00 22.54 -0.83
C SER B 347 0.90 21.96 -1.91
N LEU B 348 1.04 22.73 -2.98
CA LEU B 348 1.78 22.28 -4.16
C LEU B 348 3.26 22.09 -3.83
N ALA B 349 3.81 23.02 -3.04
CA ALA B 349 5.20 22.95 -2.65
C ALA B 349 5.43 21.74 -1.75
N PHE B 350 4.49 21.49 -0.84
CA PHE B 350 4.63 20.36 0.07
C PHE B 350 4.54 19.06 -0.72
N LEU B 351 3.56 18.99 -1.62
CA LEU B 351 3.43 17.85 -2.52
C LEU B 351 4.72 17.63 -3.32
N GLN B 352 5.29 18.66 -3.93
CA GLN B 352 6.51 18.45 -4.70
C GLN B 352 7.68 17.98 -3.82
N LYS B 353 7.79 18.55 -2.63
CA LYS B 353 8.87 18.21 -1.71
C LYS B 353 8.82 16.74 -1.32
N HIS B 354 7.65 16.25 -0.96
CA HIS B 354 7.55 14.90 -0.45
C HIS B 354 6.90 13.91 -1.42
N LEU B 355 6.69 14.34 -2.66
CA LEU B 355 6.35 13.38 -3.70
C LEU B 355 7.48 13.33 -4.73
N GLY B 356 8.43 14.25 -4.61
CA GLY B 356 9.55 14.33 -5.52
C GLY B 356 9.07 14.66 -6.93
N LEU B 357 8.14 15.59 -7.02
CA LEU B 357 7.64 16.02 -8.31
C LEU B 357 8.67 16.90 -9.01
N HIS B 358 8.50 17.04 -10.32
CA HIS B 358 9.45 17.80 -11.12
C HIS B 358 8.77 19.01 -11.75
N LYS B 359 8.24 19.88 -10.89
CA LYS B 359 7.69 21.15 -11.33
C LYS B 359 8.47 22.32 -10.69
N ASP B 360 7.91 23.52 -10.76
CA ASP B 360 8.57 24.69 -10.19
C ASP B 360 7.82 25.14 -8.93
N PHE B 361 7.07 24.21 -8.35
CA PHE B 361 6.22 24.44 -7.18
C PHE B 361 7.00 24.88 -5.97
N ASP B 362 8.28 24.51 -5.90
CA ASP B 362 9.10 24.82 -4.74
C ASP B 362 9.38 26.32 -4.60
N GLN B 363 8.96 27.10 -5.59
CA GLN B 363 8.98 28.56 -5.47
C GLN B 363 8.08 29.03 -4.33
N TRP B 364 7.25 28.13 -3.81
CA TRP B 364 6.37 28.47 -2.69
C TRP B 364 6.77 27.76 -1.42
N ASP B 365 8.05 27.39 -1.34
CA ASP B 365 8.58 26.68 -0.17
C ASP B 365 8.45 27.52 1.08
N CYS B 366 8.59 28.85 0.93
CA CYS B 366 8.51 29.76 2.07
C CYS B 366 7.14 29.66 2.77
N LEU B 367 6.11 29.28 2.01
CA LEU B 367 4.77 29.21 2.56
C LEU B 367 4.64 28.05 3.54
N ILE B 368 5.36 26.96 3.30
CA ILE B 368 5.33 25.81 4.21
C ILE B 368 5.81 26.27 5.58
N GLU B 369 6.64 27.31 5.59
CA GLU B 369 7.20 27.83 6.83
C GLU B 369 6.37 29.01 7.38
N GLY B 370 5.27 29.33 6.70
CA GLY B 370 4.41 30.40 7.14
C GLY B 370 5.09 31.75 6.97
N ASP B 371 5.91 31.85 5.92
CA ASP B 371 6.69 33.07 5.66
C ASP B 371 5.95 33.98 4.67
N ASP B 372 4.94 34.69 5.19
CA ASP B 372 4.08 35.55 4.38
C ASP B 372 3.23 36.47 5.29
N GLU B 373 2.93 37.69 4.82
CA GLU B 373 2.09 38.63 5.57
C GLU B 373 0.84 37.96 6.11
N ASN B 374 0.20 37.17 5.26
CA ASN B 374 -1.03 36.51 5.64
C ASN B 374 -0.88 35.10 6.19
N LEU B 375 0.29 34.78 6.76
CA LEU B 375 0.49 33.46 7.39
C LEU B 375 1.23 33.51 8.72
N ILE B 376 0.82 32.65 9.64
CA ILE B 376 1.55 32.42 10.87
C ILE B 376 2.26 31.05 10.81
N PRO B 377 3.57 31.03 11.10
CA PRO B 377 4.24 29.74 11.29
C PRO B 377 3.52 28.94 12.36
N GLY B 378 3.26 27.66 12.13
CA GLY B 378 2.52 26.85 13.11
C GLY B 378 1.13 27.40 13.46
N THR B 379 0.98 27.81 14.72
CA THR B 379 -0.29 28.37 15.18
C THR B 379 -0.10 29.38 16.31
N ASN B 380 -1.11 30.24 16.50
CA ASN B 380 -1.05 31.27 17.55
C ASN B 380 -1.54 30.73 18.89
N ILE B 381 -2.23 29.59 18.83
CA ILE B 381 -2.65 28.87 20.03
C ILE B 381 -1.44 28.18 20.69
N ASN B 382 -1.38 28.25 22.01
CA ASN B 382 -0.32 27.62 22.78
C ASN B 382 -0.83 26.40 23.54
N THR B 383 0.04 25.41 23.73
CA THR B 383 -0.26 24.19 24.52
C THR B 383 0.93 23.69 25.36
N THR B 384 0.62 22.80 26.31
CA THR B 384 1.51 21.72 26.82
C THR B 384 1.05 21.30 28.21
O4 VQ7 C . 9.58 -22.40 -8.77
C22 VQ7 C . 10.36 -23.36 -8.90
N VQ7 C . 10.58 -23.82 -10.14
C VQ7 C . 9.81 -23.04 -11.12
N2 VQ7 C . 10.94 -23.91 -7.82
C7 VQ7 C . 11.79 -24.95 -7.96
C6 VQ7 C . 12.03 -25.45 -9.25
C1 VQ7 C . 11.43 -24.87 -10.37
N1 VQ7 C . 11.74 -25.44 -11.65
C5 VQ7 C . 12.18 -26.84 -11.70
C4 VQ7 C . 11.75 -27.44 -13.05
S VQ7 C . 12.46 -26.66 -14.35
O VQ7 C . 11.62 -26.71 -15.51
O1 VQ7 C . 13.72 -27.26 -14.65
C3 VQ7 C . 12.73 -25.10 -13.92
C2 VQ7 C . 11.67 -24.68 -12.92
O2 VQ7 C . 12.35 -25.46 -6.82
C8 VQ7 C . 11.85 -25.06 -5.53
C9 VQ7 C . 12.01 -26.23 -4.58
C21 VQ7 C . 12.86 -26.12 -3.47
C20 VQ7 C . 13.03 -27.19 -2.61
F4 VQ7 C . 13.87 -27.09 -1.55
C12 VQ7 C . 12.33 -28.37 -2.81
C11 VQ7 C . 11.49 -28.48 -3.91
F VQ7 C . 10.84 -29.66 -4.08
C10 VQ7 C . 11.32 -27.41 -4.79
O3 VQ7 C . 12.49 -29.47 -1.99
C13 VQ7 C . 13.21 -30.54 -2.51
C19 VQ7 C . 13.33 -31.75 -1.84
C17 VQ7 C . 14.06 -32.80 -2.40
C18 VQ7 C . 14.19 -34.12 -1.68
F3 VQ7 C . 14.47 -35.09 -2.53
F2 VQ7 C . 15.16 -34.08 -0.78
F1 VQ7 C . 13.05 -34.38 -1.06
C16 VQ7 C . 14.68 -32.63 -3.63
CL VQ7 C . 15.62 -33.98 -4.36
C15 VQ7 C . 14.57 -31.43 -4.32
C14 VQ7 C . 13.85 -30.39 -3.74
O4 VQ7 D . -16.32 18.11 8.68
C22 VQ7 D . -16.78 19.25 8.94
N VQ7 D . -16.98 19.60 10.21
C VQ7 D . -16.65 18.53 11.15
N2 VQ7 D . -17.04 20.07 7.90
C7 VQ7 D . -17.51 21.30 8.11
C6 VQ7 D . -17.74 21.72 9.43
C1 VQ7 D . -17.48 20.86 10.51
N1 VQ7 D . -17.74 21.36 11.82
C5 VQ7 D . -18.71 22.45 11.93
C4 VQ7 D . -19.29 22.48 13.36
S VQ7 D . -18.10 22.69 14.51
O VQ7 D . -18.46 22.02 15.73
O1 VQ7 D . -17.86 24.09 14.75
C3 VQ7 D . -16.69 22.06 13.93
C2 VQ7 D . -17.05 20.89 13.04
O2 VQ7 D . -17.73 22.03 6.99
C8 VQ7 D . -17.74 21.35 5.71
C9 VQ7 D . -18.76 22.02 4.81
C21 VQ7 D . -18.40 22.72 3.66
C20 VQ7 D . -19.39 23.34 2.88
F4 VQ7 D . -19.06 24.04 1.76
C12 VQ7 D . -20.72 23.23 3.27
C11 VQ7 D . -21.07 22.53 4.41
F VQ7 D . -22.37 22.45 4.76
C10 VQ7 D . -20.09 21.93 5.18
O3 VQ7 D . -21.75 23.83 2.58
C13 VQ7 D . -22.33 24.96 3.14
C19 VQ7 D . -23.48 25.53 2.57
C17 VQ7 D . -24.08 26.67 3.13
C18 VQ7 D . -25.31 27.29 2.49
F3 VQ7 D . -26.36 27.18 3.26
F2 VQ7 D . -25.07 28.57 2.29
F1 VQ7 D . -25.60 26.70 1.36
C16 VQ7 D . -23.53 27.27 4.26
CL VQ7 D . -24.31 28.75 4.96
C15 VQ7 D . -22.39 26.69 4.85
C14 VQ7 D . -21.80 25.56 4.29
#